data_3KW0
#
_entry.id   3KW0
#
_cell.length_a   64.960
_cell.length_b   64.960
_cell.length_c   407.800
_cell.angle_alpha   90.000
_cell.angle_beta   90.000
_cell.angle_gamma   120.000
#
_symmetry.space_group_name_H-M   'P 65'
#
loop_
_entity.id
_entity.type
_entity.pdbx_description
1 polymer 'Cysteine peptidase'
2 non-polymer LYSINE
3 non-polymer 'CHLORIDE ION'
4 water water
#
_entity_poly.entity_id   1
_entity_poly.type   'polypeptide(L)'
_entity_poly.pdbx_seq_one_letter_code
;(MSE)GSDKIHHHHHHENLYFQG(MSE)GTDKFNNIKIDKYENLINVLKTGDIFLCSGNYLVSKLIKKVSES(MSE)FSH
TGIIVKWGEHTLI(MSE)ESVEDDGVRIVPLEHYIKNYENSNNRYNGSLFIARHELLQNVNDDSE(MSE)IRNLIKVGFS
LLNSGYDKNEIAQIVARIGLGIGRHEDNNEYICSEFVNECFKKIGVEFLTDSEGFIFPEHIAADHHVLPIAQIE
;
_entity_poly.pdbx_strand_id   A,B,C,D
#
loop_
_chem_comp.id
_chem_comp.type
_chem_comp.name
_chem_comp.formula
CL non-polymer 'CHLORIDE ION' 'Cl -1'
#
# COMPACT_ATOMS: atom_id res chain seq x y z
N GLY A 21 14.25 -12.29 -32.65
CA GLY A 21 12.82 -12.03 -32.42
C GLY A 21 12.44 -12.89 -31.25
N THR A 22 11.48 -13.79 -31.47
CA THR A 22 11.19 -14.87 -30.52
C THR A 22 12.28 -15.89 -30.76
N ASP A 23 12.45 -16.25 -32.05
CA ASP A 23 13.32 -17.36 -32.50
C ASP A 23 14.73 -17.29 -31.93
N LYS A 24 15.25 -16.08 -31.76
CA LYS A 24 16.61 -15.86 -31.26
C LYS A 24 16.95 -16.61 -29.94
N PHE A 25 15.95 -16.91 -29.13
CA PHE A 25 16.15 -17.58 -27.88
C PHE A 25 15.62 -19.00 -27.84
N ASN A 26 15.02 -19.46 -28.94
CA ASN A 26 14.30 -20.75 -28.92
C ASN A 26 15.13 -22.00 -28.64
N ASN A 27 16.39 -22.02 -29.06
CA ASN A 27 17.22 -23.20 -28.86
C ASN A 27 18.50 -22.88 -28.15
N ILE A 28 18.39 -21.95 -27.23
CA ILE A 28 19.54 -21.49 -26.50
C ILE A 28 19.84 -22.55 -25.43
N LYS A 29 21.10 -22.65 -25.02
CA LYS A 29 21.49 -23.66 -24.04
C LYS A 29 20.86 -23.38 -22.66
N ILE A 30 20.43 -24.45 -21.99
CA ILE A 30 19.80 -24.37 -20.68
C ILE A 30 20.87 -24.57 -19.60
N ASP A 31 21.14 -23.56 -18.80
CA ASP A 31 22.13 -23.68 -17.72
C ASP A 31 21.47 -23.68 -16.35
N LYS A 32 22.05 -24.42 -15.40
CA LYS A 32 21.58 -24.40 -14.03
C LYS A 32 22.06 -23.09 -13.43
N TYR A 33 21.21 -22.49 -12.59
CA TYR A 33 21.47 -21.19 -11.99
C TYR A 33 22.86 -21.11 -11.34
N GLU A 34 23.22 -22.15 -10.58
CA GLU A 34 24.53 -22.22 -9.90
C GLU A 34 25.70 -22.06 -10.86
N ASN A 35 25.59 -22.67 -12.03
CA ASN A 35 26.63 -22.59 -13.04
C ASN A 35 26.70 -21.21 -13.71
N LEU A 36 25.54 -20.57 -13.95
CA LEU A 36 25.49 -19.27 -14.63
C LEU A 36 26.10 -18.11 -13.87
N ILE A 37 26.00 -18.14 -12.55
CA ILE A 37 26.58 -17.08 -11.69
C ILE A 37 27.98 -16.62 -12.18
N ASN A 38 28.83 -17.57 -12.51
CA ASN A 38 30.21 -17.27 -12.95
C ASN A 38 30.30 -16.62 -14.34
N VAL A 39 29.33 -16.92 -15.20
CA VAL A 39 29.29 -16.40 -16.55
C VAL A 39 28.70 -14.99 -16.63
N LEU A 40 27.82 -14.63 -15.70
CA LEU A 40 27.15 -13.33 -15.76
C LEU A 40 28.11 -12.17 -15.53
N LYS A 41 27.86 -11.06 -16.20
CA LYS A 41 28.61 -9.83 -16.06
C LYS A 41 27.65 -8.66 -15.86
N THR A 42 28.07 -7.68 -15.09
CA THR A 42 27.27 -6.49 -14.88
C THR A 42 26.92 -5.90 -16.24
N GLY A 43 25.66 -5.56 -16.44
CA GLY A 43 25.20 -5.00 -17.72
C GLY A 43 24.48 -6.04 -18.59
N ASP A 44 24.58 -7.31 -18.21
CA ASP A 44 23.86 -8.34 -18.90
C ASP A 44 22.38 -8.03 -18.73
N ILE A 45 21.61 -8.45 -19.72
CA ILE A 45 20.21 -8.13 -19.80
C ILE A 45 19.45 -9.35 -19.37
N PHE A 46 18.60 -9.18 -18.38
CA PHE A 46 17.72 -10.25 -17.92
C PHE A 46 16.43 -10.14 -18.72
N LEU A 47 15.88 -11.30 -19.10
CA LEU A 47 14.61 -11.36 -19.88
C LEU A 47 13.72 -12.45 -19.31
N CYS A 48 12.42 -12.20 -19.26
CA CYS A 48 11.51 -13.22 -18.75
C CYS A 48 10.30 -13.26 -19.58
N SER A 49 9.66 -14.42 -19.51
CA SER A 49 8.40 -14.67 -20.14
C SER A 49 7.48 -15.19 -19.04
N GLY A 50 6.76 -14.27 -18.41
CA GLY A 50 5.87 -14.58 -17.30
C GLY A 50 4.42 -14.89 -17.64
N ASN A 51 3.74 -15.53 -16.70
CA ASN A 51 2.34 -15.95 -16.85
C ASN A 51 1.39 -15.14 -16.02
N TYR A 52 1.91 -14.07 -15.42
CA TYR A 52 1.10 -13.16 -14.64
C TYR A 52 0.19 -12.35 -15.59
N LEU A 53 -0.91 -11.84 -15.05
CA LEU A 53 -1.85 -11.04 -15.84
C LEU A 53 -1.13 -9.86 -16.52
N VAL A 54 -0.39 -9.06 -15.75
CA VAL A 54 0.36 -7.96 -16.34
C VAL A 54 1.36 -8.46 -17.40
N SER A 55 1.99 -9.61 -17.16
CA SER A 55 2.91 -10.21 -18.13
C SER A 55 2.19 -10.47 -19.49
N LYS A 56 1.00 -11.06 -19.38
CA LYS A 56 0.23 -11.42 -20.55
C LYS A 56 -0.22 -10.18 -21.31
N LEU A 57 -0.56 -9.12 -20.59
CA LEU A 57 -0.94 -7.86 -21.26
C LEU A 57 0.26 -7.33 -22.05
N ILE A 58 1.46 -7.41 -21.45
CA ILE A 58 2.69 -7.01 -22.16
C ILE A 58 2.90 -7.92 -23.39
N LYS A 59 2.69 -9.23 -23.23
CA LYS A 59 2.96 -10.16 -24.31
C LYS A 59 1.97 -9.94 -25.47
N LYS A 60 0.72 -9.60 -25.15
CA LYS A 60 -0.30 -9.36 -26.14
C LYS A 60 0.00 -8.10 -26.92
N VAL A 61 0.07 -6.98 -26.24
CA VAL A 61 0.22 -5.69 -26.92
C VAL A 61 1.51 -5.62 -27.74
N SER A 62 2.52 -6.37 -27.31
CA SER A 62 3.82 -6.35 -27.99
C SER A 62 4.03 -7.56 -28.88
N GLU A 63 3.06 -8.48 -28.90
CA GLU A 63 3.13 -9.69 -29.72
C GLU A 63 4.47 -10.39 -29.57
N SER A 64 4.76 -10.85 -28.36
CA SER A 64 6.09 -11.37 -27.98
C SER A 64 5.96 -12.38 -26.89
N MSE A 65 6.96 -13.21 -26.72
CA MSE A 65 6.99 -14.11 -25.57
C MSE A 65 7.61 -13.41 -24.33
O MSE A 65 7.55 -13.96 -23.23
CB MSE A 65 7.78 -15.37 -25.89
CG MSE A 65 9.27 -15.14 -26.18
SE MSE A 65 10.32 -16.79 -26.31
CE MSE A 65 10.02 -17.56 -24.54
N PHE A 66 8.21 -12.23 -24.53
CA PHE A 66 8.89 -11.51 -23.45
C PHE A 66 8.04 -10.47 -22.74
N SER A 67 7.90 -10.67 -21.44
CA SER A 67 7.08 -9.79 -20.57
C SER A 67 7.90 -8.90 -19.67
N HIS A 68 9.19 -9.20 -19.51
CA HIS A 68 10.01 -8.48 -18.55
C HIS A 68 11.47 -8.42 -18.94
N THR A 69 12.10 -7.31 -18.58
CA THR A 69 13.52 -7.18 -18.76
C THR A 69 14.14 -6.48 -17.55
N GLY A 70 15.46 -6.54 -17.42
CA GLY A 70 16.18 -5.87 -16.33
C GLY A 70 17.67 -5.96 -16.57
N ILE A 71 18.46 -5.29 -15.74
CA ILE A 71 19.91 -5.25 -15.91
C ILE A 71 20.60 -5.93 -14.74
N ILE A 72 21.54 -6.82 -15.05
CA ILE A 72 22.24 -7.59 -14.03
C ILE A 72 23.36 -6.73 -13.45
N VAL A 73 23.50 -6.75 -12.14
CA VAL A 73 24.59 -6.02 -11.44
C VAL A 73 25.26 -6.98 -10.46
N LYS A 74 26.55 -7.23 -10.65
CA LYS A 74 27.34 -8.15 -9.80
C LYS A 74 28.01 -7.47 -8.59
N TRP A 75 27.56 -7.70 -7.35
CA TRP A 75 28.29 -7.19 -6.15
C TRP A 75 29.28 -8.31 -5.79
N GLY A 76 30.53 -8.16 -6.24
CA GLY A 76 31.55 -9.17 -6.03
C GLY A 76 31.17 -10.47 -6.69
N GLU A 77 30.92 -11.49 -5.88
CA GLU A 77 30.44 -12.76 -6.38
C GLU A 77 28.91 -12.82 -6.40
N HIS A 78 28.22 -11.90 -5.73
CA HIS A 78 26.74 -11.95 -5.66
C HIS A 78 26.03 -11.23 -6.80
N THR A 79 24.90 -11.78 -7.18
CA THR A 79 24.19 -11.37 -8.40
C THR A 79 22.86 -10.70 -8.09
N LEU A 80 22.79 -9.42 -8.47
CA LEU A 80 21.58 -8.63 -8.33
C LEU A 80 20.96 -8.31 -9.70
N ILE A 81 19.66 -8.00 -9.65
CA ILE A 81 18.91 -7.58 -10.82
C ILE A 81 18.30 -6.20 -10.48
N MSE A 82 18.60 -5.24 -11.32
CA MSE A 82 18.11 -3.88 -11.20
C MSE A 82 16.99 -3.73 -12.24
O MSE A 82 17.21 -4.05 -13.39
CB MSE A 82 19.28 -2.97 -11.54
CG MSE A 82 19.07 -1.53 -11.26
SE MSE A 82 20.77 -0.65 -11.50
CE MSE A 82 21.10 -0.70 -13.43
N GLU A 83 15.82 -3.25 -11.85
CA GLU A 83 14.66 -3.32 -12.72
C GLU A 83 13.47 -2.48 -12.25
N SER A 84 12.57 -2.15 -13.17
CA SER A 84 11.25 -1.63 -12.82
C SER A 84 10.22 -2.74 -12.95
N VAL A 85 9.60 -3.10 -11.84
CA VAL A 85 8.55 -4.10 -11.83
C VAL A 85 7.26 -3.31 -11.65
N GLU A 86 6.36 -3.47 -12.62
CA GLU A 86 5.23 -2.56 -12.81
C GLU A 86 4.20 -2.58 -11.68
N ASP A 87 4.08 -3.69 -10.97
CA ASP A 87 3.19 -3.74 -9.81
C ASP A 87 3.92 -3.53 -8.49
N ASP A 88 5.12 -2.93 -8.53
CA ASP A 88 6.01 -2.86 -7.36
C ASP A 88 6.83 -1.53 -7.33
N GLY A 89 7.90 -1.43 -8.15
CA GLY A 89 8.73 -0.23 -8.14
C GLY A 89 10.00 -0.38 -8.93
N VAL A 90 10.78 0.69 -9.02
CA VAL A 90 12.14 0.62 -9.53
C VAL A 90 13.08 0.16 -8.39
N ARG A 91 13.44 -1.11 -8.38
CA ARG A 91 14.14 -1.74 -7.30
C ARG A 91 15.40 -2.45 -7.75
N ILE A 92 16.25 -2.79 -6.77
CA ILE A 92 17.39 -3.68 -7.00
C ILE A 92 17.25 -4.83 -6.00
N VAL A 93 17.27 -6.06 -6.50
CA VAL A 93 17.11 -7.24 -5.64
C VAL A 93 17.92 -8.45 -6.13
N PRO A 94 18.10 -9.46 -5.26
CA PRO A 94 18.91 -10.56 -5.69
C PRO A 94 18.22 -11.35 -6.77
N LEU A 95 18.97 -11.73 -7.79
CA LEU A 95 18.47 -12.62 -8.83
C LEU A 95 17.92 -13.89 -8.20
N GLU A 96 18.57 -14.34 -7.11
CA GLU A 96 18.14 -15.51 -6.36
C GLU A 96 16.62 -15.49 -6.09
N HIS A 97 16.02 -14.31 -5.94
CA HIS A 97 14.55 -14.21 -5.74
C HIS A 97 13.72 -14.78 -6.88
N TYR A 98 14.16 -14.53 -8.12
CA TYR A 98 13.44 -15.07 -9.29
C TYR A 98 13.49 -16.60 -9.31
N ILE A 99 14.52 -17.19 -8.71
CA ILE A 99 14.66 -18.65 -8.70
C ILE A 99 13.94 -19.32 -7.54
N LYS A 100 13.93 -18.67 -6.37
CA LYS A 100 13.47 -19.30 -5.09
C LYS A 100 12.31 -18.62 -4.35
N ASN A 101 12.18 -17.30 -4.49
CA ASN A 101 11.18 -16.53 -3.72
C ASN A 101 10.80 -15.27 -4.47
N TYR A 102 9.97 -15.43 -5.50
CA TYR A 102 9.57 -14.28 -6.29
C TYR A 102 8.47 -13.51 -5.56
N GLU A 103 8.77 -12.24 -5.32
CA GLU A 103 7.86 -11.30 -4.69
C GLU A 103 7.10 -11.80 -3.43
N ASN A 104 7.88 -12.30 -2.46
CA ASN A 104 7.37 -12.84 -1.21
C ASN A 104 6.47 -14.08 -1.34
N SER A 105 6.53 -14.78 -2.47
CA SER A 105 5.72 -15.99 -2.67
C SER A 105 6.40 -17.28 -2.19
N ASN A 106 7.68 -17.20 -1.85
CA ASN A 106 8.51 -18.37 -1.49
C ASN A 106 8.58 -19.45 -2.57
N ASN A 107 8.33 -19.05 -3.82
CA ASN A 107 8.38 -19.93 -4.99
C ASN A 107 9.04 -19.23 -6.17
N ARG A 108 9.46 -20.02 -7.14
CA ARG A 108 10.11 -19.51 -8.35
C ARG A 108 9.16 -18.63 -9.15
N TYR A 109 9.72 -17.67 -9.88
CA TYR A 109 8.97 -16.83 -10.81
C TYR A 109 8.19 -17.74 -11.74
N ASN A 110 6.90 -17.48 -11.88
CA ASN A 110 6.04 -18.24 -12.77
C ASN A 110 6.28 -17.83 -14.24
N GLY A 111 7.27 -18.46 -14.85
CA GLY A 111 7.64 -18.15 -16.20
C GLY A 111 9.04 -18.62 -16.52
N SER A 112 9.55 -18.26 -17.68
CA SER A 112 10.90 -18.70 -18.03
C SER A 112 11.85 -17.51 -18.03
N LEU A 113 13.13 -17.81 -17.87
CA LEU A 113 14.10 -16.77 -17.58
C LEU A 113 15.28 -16.91 -18.48
N PHE A 114 15.80 -15.80 -18.97
CA PHE A 114 16.90 -15.80 -19.90
C PHE A 114 17.92 -14.72 -19.59
N ILE A 115 19.13 -14.95 -20.11
CA ILE A 115 20.18 -13.96 -20.05
C ILE A 115 20.69 -13.67 -21.46
N ALA A 116 20.89 -12.38 -21.72
CA ALA A 116 21.59 -11.91 -22.91
C ALA A 116 22.68 -10.92 -22.50
N ARG A 117 23.48 -10.53 -23.48
CA ARG A 117 24.59 -9.59 -23.30
C ARG A 117 24.64 -8.64 -24.49
N HIS A 118 24.82 -7.36 -24.24
CA HIS A 118 24.91 -6.42 -25.35
C HIS A 118 26.30 -6.51 -25.95
N GLU A 119 26.37 -6.48 -27.28
CA GLU A 119 27.64 -6.65 -28.01
C GLU A 119 28.69 -5.62 -27.51
N LEU A 120 28.31 -4.36 -27.37
CA LEU A 120 29.25 -3.33 -26.94
C LEU A 120 29.92 -3.57 -25.59
N LEU A 121 29.21 -4.17 -24.64
CA LEU A 121 29.77 -4.41 -23.33
C LEU A 121 30.42 -5.78 -23.18
N GLN A 122 30.61 -6.54 -24.26
CA GLN A 122 31.18 -7.87 -24.08
C GLN A 122 32.68 -7.81 -23.75
N ASN A 123 33.38 -6.82 -24.31
CA ASN A 123 34.84 -6.67 -24.10
C ASN A 123 35.17 -5.48 -23.20
N VAL A 124 34.41 -5.37 -22.13
CA VAL A 124 34.52 -4.27 -21.19
C VAL A 124 34.41 -4.89 -19.79
N ASN A 125 35.39 -4.61 -18.95
CA ASN A 125 35.47 -5.18 -17.61
C ASN A 125 34.52 -4.50 -16.62
N ASP A 126 34.15 -5.25 -15.56
CA ASP A 126 33.10 -4.85 -14.59
C ASP A 126 33.30 -3.53 -13.87
N ASP A 127 34.51 -2.99 -13.85
CA ASP A 127 34.74 -1.65 -13.30
C ASP A 127 35.23 -0.65 -14.38
N SER A 128 34.84 -0.88 -15.63
CA SER A 128 35.01 0.09 -16.72
C SER A 128 34.22 1.36 -16.37
N GLU A 129 34.44 2.47 -17.10
CA GLU A 129 33.65 3.68 -16.83
CA GLU A 129 33.66 3.68 -16.86
C GLU A 129 32.23 3.51 -17.36
N MSE A 130 32.08 2.79 -18.48
CA MSE A 130 30.75 2.56 -19.07
C MSE A 130 29.82 1.84 -18.11
O MSE A 130 28.69 2.27 -17.89
CB MSE A 130 30.82 1.69 -20.31
CG MSE A 130 31.47 2.31 -21.50
SE MSE A 130 30.42 1.90 -23.08
CE MSE A 130 29.15 3.31 -22.92
N ILE A 131 30.30 0.73 -17.56
CA ILE A 131 29.55 -0.02 -16.57
C ILE A 131 29.27 0.87 -15.35
N ARG A 132 30.24 1.70 -14.97
CA ARG A 132 30.09 2.64 -13.86
C ARG A 132 28.91 3.60 -14.09
N ASN A 133 28.83 4.17 -15.28
CA ASN A 133 27.75 5.10 -15.64
C ASN A 133 26.39 4.43 -15.84
N LEU A 134 26.37 3.20 -16.36
CA LEU A 134 25.14 2.45 -16.51
C LEU A 134 24.51 2.24 -15.14
N ILE A 135 25.32 1.78 -14.20
CA ILE A 135 24.91 1.56 -12.81
C ILE A 135 24.53 2.86 -12.08
N LYS A 136 25.27 3.94 -12.31
CA LYS A 136 24.94 5.28 -11.80
C LYS A 136 23.49 5.69 -12.18
N VAL A 137 23.13 5.53 -13.45
CA VAL A 137 21.82 5.99 -13.90
C VAL A 137 20.73 5.14 -13.29
N GLY A 138 20.94 3.83 -13.25
CA GLY A 138 19.99 2.93 -12.64
C GLY A 138 19.79 3.18 -11.17
N PHE A 139 20.89 3.37 -10.45
CA PHE A 139 20.83 3.76 -9.06
C PHE A 139 20.07 5.06 -8.89
N SER A 140 20.29 6.01 -9.79
CA SER A 140 19.61 7.28 -9.69
C SER A 140 18.09 7.19 -9.84
N LEU A 141 17.60 6.12 -10.46
CA LEU A 141 16.14 5.95 -10.66
C LEU A 141 15.47 5.01 -9.67
N LEU A 142 16.24 4.40 -8.77
CA LEU A 142 15.63 3.54 -7.78
C LEU A 142 14.73 4.40 -6.91
N ASN A 143 13.54 3.91 -6.62
CA ASN A 143 12.55 4.63 -5.83
C ASN A 143 12.15 3.78 -4.63
N SER A 144 11.14 4.20 -3.88
CA SER A 144 10.72 3.45 -2.71
C SER A 144 9.38 2.78 -2.93
N GLY A 145 9.17 2.25 -4.14
CA GLY A 145 7.91 1.61 -4.53
C GLY A 145 7.08 2.57 -5.32
N TYR A 146 6.22 2.05 -6.19
CA TYR A 146 5.25 2.89 -6.91
C TYR A 146 4.01 2.98 -6.04
N ASP A 147 3.33 4.12 -6.08
CA ASP A 147 2.07 4.22 -5.35
C ASP A 147 0.95 3.55 -6.17
N LYS A 148 -0.21 3.33 -5.56
CA LYS A 148 -1.34 2.66 -6.20
C LYS A 148 -1.74 3.37 -7.53
N ASN A 149 -1.80 4.70 -7.48
CA ASN A 149 -2.09 5.51 -8.65
C ASN A 149 -1.10 5.27 -9.82
N GLU A 150 0.16 5.18 -9.48
CA GLU A 150 1.19 5.01 -10.48
C GLU A 150 1.18 3.61 -11.12
N ILE A 151 0.85 2.60 -10.35
CA ILE A 151 0.82 1.24 -10.86
C ILE A 151 -0.26 1.19 -11.94
N ALA A 152 -1.47 1.58 -11.56
CA ALA A 152 -2.60 1.71 -12.46
C ALA A 152 -2.23 2.50 -13.72
N GLN A 153 -1.53 3.62 -13.55
CA GLN A 153 -1.12 4.40 -14.70
C GLN A 153 -0.15 3.59 -15.59
N ILE A 154 0.81 2.89 -14.99
CA ILE A 154 1.79 2.13 -15.77
C ILE A 154 1.09 1.02 -16.57
N VAL A 155 0.24 0.24 -15.91
CA VAL A 155 -0.43 -0.86 -16.56
C VAL A 155 -1.38 -0.34 -17.64
N ALA A 156 -2.05 0.77 -17.37
CA ALA A 156 -2.88 1.41 -18.41
C ALA A 156 -2.05 1.84 -19.64
N ARG A 157 -0.88 2.43 -19.41
CA ARG A 157 -0.02 2.80 -20.54
C ARG A 157 0.39 1.59 -21.40
N ILE A 158 0.61 0.44 -20.76
CA ILE A 158 0.91 -0.80 -21.48
C ILE A 158 -0.25 -1.18 -22.42
N GLY A 159 -1.44 -1.27 -21.88
CA GLY A 159 -2.62 -1.59 -22.66
C GLY A 159 -2.94 -0.58 -23.76
N LEU A 160 -2.73 0.70 -23.47
CA LEU A 160 -2.98 1.76 -24.46
C LEU A 160 -1.84 1.90 -25.48
N GLY A 161 -0.71 1.24 -25.22
CA GLY A 161 0.51 1.43 -26.02
C GLY A 161 1.04 2.86 -26.00
N ILE A 162 0.71 3.68 -25.00
CA ILE A 162 1.27 5.04 -24.85
C ILE A 162 2.63 5.01 -24.14
N GLY A 163 3.58 5.81 -24.60
CA GLY A 163 4.88 6.00 -23.94
C GLY A 163 4.78 7.05 -22.87
N ARG A 164 5.86 7.34 -22.16
CA ARG A 164 5.79 8.29 -21.02
C ARG A 164 6.33 9.69 -21.32
N HIS A 165 5.81 10.69 -20.60
CA HIS A 165 6.37 12.07 -20.62
C HIS A 165 7.86 12.05 -20.15
N GLU A 166 8.70 12.92 -20.73
CA GLU A 166 10.14 13.02 -20.36
C GLU A 166 10.39 13.46 -18.89
N ASP A 167 9.37 14.02 -18.23
CA ASP A 167 9.43 14.32 -16.79
C ASP A 167 9.12 13.05 -15.97
N ASN A 168 8.04 12.39 -16.33
CA ASN A 168 7.50 11.23 -15.59
C ASN A 168 8.48 10.12 -15.18
N ASN A 169 8.54 9.81 -13.88
CA ASN A 169 9.40 8.73 -13.39
C ASN A 169 8.70 7.37 -13.17
N GLU A 170 7.71 7.08 -14.01
CA GLU A 170 6.98 5.81 -13.96
C GLU A 170 7.40 5.01 -15.18
N TYR A 171 7.94 3.82 -14.96
CA TYR A 171 8.61 3.07 -16.00
C TYR A 171 8.05 1.67 -16.23
N ILE A 172 7.76 1.36 -17.48
CA ILE A 172 7.57 -0.03 -17.92
C ILE A 172 8.96 -0.66 -17.84
N CYS A 173 9.03 -1.94 -17.53
CA CYS A 173 10.33 -2.58 -17.33
C CYS A 173 11.33 -2.20 -18.40
N SER A 174 10.93 -2.35 -19.65
CA SER A 174 11.80 -2.07 -20.78
C SER A 174 12.19 -0.59 -20.92
N GLU A 175 11.33 0.32 -20.48
CA GLU A 175 11.62 1.77 -20.49
C GLU A 175 12.74 2.11 -19.52
N PHE A 176 12.81 1.38 -18.42
CA PHE A 176 13.88 1.56 -17.45
C PHE A 176 15.23 1.08 -17.99
N VAL A 177 15.23 -0.14 -18.54
CA VAL A 177 16.44 -0.73 -19.13
C VAL A 177 16.91 0.20 -20.24
N ASN A 178 15.95 0.79 -20.95
CA ASN A 178 16.27 1.65 -22.05
C ASN A 178 16.89 2.94 -21.61
N GLU A 179 16.34 3.58 -20.57
CA GLU A 179 16.95 4.80 -20.00
C GLU A 179 18.39 4.57 -19.58
N CYS A 180 18.67 3.47 -18.89
CA CYS A 180 20.02 3.23 -18.45
C CYS A 180 21.00 3.21 -19.62
N PHE A 181 20.70 2.38 -20.63
CA PHE A 181 21.54 2.27 -21.81
C PHE A 181 21.58 3.58 -22.64
N LYS A 182 20.46 4.30 -22.68
CA LYS A 182 20.39 5.57 -23.40
C LYS A 182 21.43 6.52 -22.86
N LYS A 183 21.53 6.60 -21.54
CA LYS A 183 22.47 7.53 -20.92
C LYS A 183 23.92 7.05 -20.97
N ILE A 184 24.24 5.94 -21.63
CA ILE A 184 25.64 5.62 -21.95
C ILE A 184 25.84 5.55 -23.44
N GLY A 185 24.88 6.04 -24.21
CA GLY A 185 25.00 6.06 -25.66
C GLY A 185 24.34 4.96 -26.47
N VAL A 186 23.98 3.84 -25.84
CA VAL A 186 23.35 2.72 -26.55
C VAL A 186 21.85 2.92 -26.74
N GLU A 187 21.43 3.12 -27.99
CA GLU A 187 20.01 3.29 -28.34
C GLU A 187 19.38 1.95 -28.74
N PHE A 188 18.11 1.71 -28.40
CA PHE A 188 17.37 0.51 -28.82
C PHE A 188 16.31 0.79 -29.90
N LEU A 189 16.26 -0.05 -30.95
CA LEU A 189 15.41 0.16 -32.15
C LEU A 189 13.89 0.00 -31.89
N PHE A 195 7.86 4.48 -27.92
CA PHE A 195 7.59 3.41 -26.97
C PHE A 195 8.49 2.18 -27.10
N ILE A 196 8.62 1.40 -26.04
CA ILE A 196 9.55 0.29 -26.06
C ILE A 196 9.15 -0.82 -25.08
N PHE A 197 8.93 -2.01 -25.61
CA PHE A 197 8.64 -3.22 -24.84
C PHE A 197 9.87 -4.12 -24.79
N PRO A 198 9.86 -5.15 -23.92
CA PRO A 198 10.94 -6.10 -23.90
C PRO A 198 11.30 -6.67 -25.27
N GLU A 199 10.30 -6.97 -26.10
CA GLU A 199 10.54 -7.51 -27.43
C GLU A 199 11.62 -6.72 -28.18
N HIS A 200 11.56 -5.40 -28.15
CA HIS A 200 12.56 -4.59 -28.84
C HIS A 200 13.96 -4.83 -28.32
N ILE A 201 14.11 -5.09 -27.03
CA ILE A 201 15.44 -5.34 -26.47
C ILE A 201 15.87 -6.73 -26.90
N ALA A 202 14.99 -7.72 -26.77
CA ALA A 202 15.29 -9.09 -27.21
C ALA A 202 15.68 -9.17 -28.69
N ALA A 203 14.94 -8.46 -29.52
CA ALA A 203 15.09 -8.54 -30.97
C ALA A 203 16.33 -7.79 -31.51
N ASP A 204 16.86 -6.86 -30.72
CA ASP A 204 17.90 -5.98 -31.18
C ASP A 204 19.10 -6.79 -31.66
N HIS A 205 19.61 -6.43 -32.85
CA HIS A 205 20.73 -7.14 -33.50
C HIS A 205 21.99 -7.16 -32.63
N HIS A 206 22.16 -6.20 -31.71
CA HIS A 206 23.33 -6.18 -30.81
C HIS A 206 23.14 -6.93 -29.49
N VAL A 207 21.97 -7.50 -29.24
CA VAL A 207 21.74 -8.23 -27.98
C VAL A 207 21.84 -9.73 -28.28
N LEU A 208 22.86 -10.37 -27.72
CA LEU A 208 23.20 -11.75 -27.98
C LEU A 208 22.72 -12.65 -26.85
N PRO A 209 22.09 -13.77 -27.17
CA PRO A 209 21.62 -14.67 -26.11
C PRO A 209 22.76 -15.39 -25.47
N ILE A 210 22.66 -15.63 -24.15
CA ILE A 210 23.67 -16.41 -23.42
C ILE A 210 23.09 -17.72 -22.93
N ALA A 211 21.98 -17.66 -22.18
CA ALA A 211 21.39 -18.87 -21.61
C ALA A 211 19.94 -18.68 -21.18
N GLN A 212 19.18 -19.78 -21.23
CA GLN A 212 17.97 -19.93 -20.45
C GLN A 212 18.36 -20.55 -19.09
N ILE A 213 17.70 -20.11 -18.02
CA ILE A 213 17.98 -20.62 -16.68
C ILE A 213 17.10 -21.83 -16.43
N GLU A 214 17.71 -22.97 -16.11
CA GLU A 214 17.00 -24.25 -16.04
C GLU A 214 15.83 -24.23 -15.07
N TYR B 16 19.33 15.17 27.66
CA TYR B 16 18.17 15.07 28.58
C TYR B 16 18.18 13.73 29.34
N PHE B 17 17.56 12.70 28.75
CA PHE B 17 17.40 11.35 29.34
C PHE B 17 18.02 10.25 28.46
N GLN B 18 19.34 10.33 28.18
CA GLN B 18 20.05 9.43 27.23
C GLN B 18 21.38 8.81 27.69
N GLY B 19 21.81 7.77 26.97
CA GLY B 19 22.98 6.91 27.34
C GLY B 19 24.30 6.99 26.58
N MSE B 20 25.33 6.29 27.12
CA MSE B 20 26.74 6.18 26.58
C MSE B 20 26.95 6.31 25.06
O MSE B 20 27.94 6.89 24.59
CB MSE B 20 27.39 4.84 27.06
CG MSE B 20 28.64 4.32 26.26
SE MSE B 20 29.64 2.69 26.92
CE MSE B 20 30.54 3.45 28.52
N GLY B 21 26.03 5.76 24.26
CA GLY B 21 26.08 5.93 22.83
C GLY B 21 26.08 7.40 22.47
N THR B 22 25.27 8.19 23.17
CA THR B 22 25.14 9.60 22.88
C THR B 22 26.46 10.38 23.00
N ASP B 23 27.14 10.29 24.12
CA ASP B 23 28.42 11.01 24.26
C ASP B 23 29.46 10.58 23.23
N LYS B 24 29.45 9.30 22.90
CA LYS B 24 30.39 8.75 21.93
C LYS B 24 30.34 9.50 20.58
N PHE B 25 29.18 10.04 20.20
CA PHE B 25 29.02 10.75 18.91
C PHE B 25 28.88 12.28 19.00
N ASN B 26 28.98 12.85 20.21
CA ASN B 26 28.66 14.27 20.40
C ASN B 26 29.63 15.29 19.80
N ASN B 27 30.92 14.96 19.72
CA ASN B 27 31.88 15.90 19.16
C ASN B 27 32.63 15.29 18.00
N ILE B 28 31.95 14.48 17.22
CA ILE B 28 32.60 13.78 16.15
C ILE B 28 32.76 14.77 14.99
N LYS B 29 33.77 14.58 14.15
CA LYS B 29 33.99 15.50 13.05
C LYS B 29 32.82 15.49 12.06
N ILE B 30 32.48 16.68 11.56
CA ILE B 30 31.39 16.87 10.59
C ILE B 30 32.02 16.84 9.19
N ASP B 31 31.68 15.86 8.36
CA ASP B 31 32.19 15.82 6.97
C ASP B 31 31.07 16.11 5.99
N LYS B 32 31.41 16.70 4.86
CA LYS B 32 30.45 16.88 3.77
C LYS B 32 30.27 15.52 3.10
N TYR B 33 29.06 15.26 2.63
CA TYR B 33 28.75 13.96 2.02
C TYR B 33 29.74 13.58 0.92
N GLU B 34 30.05 14.52 0.03
CA GLU B 34 30.96 14.30 -1.11
C GLU B 34 32.33 13.80 -0.67
N ASN B 35 32.82 14.33 0.44
CA ASN B 35 34.10 13.89 0.99
C ASN B 35 34.03 12.50 1.61
N LEU B 36 32.94 12.20 2.33
CA LEU B 36 32.83 10.92 3.03
C LEU B 36 32.82 9.71 2.11
N ILE B 37 32.18 9.83 0.96
CA ILE B 37 32.09 8.74 -0.02
C ILE B 37 33.38 7.90 -0.09
N ASN B 38 34.53 8.58 -0.17
CA ASN B 38 35.84 7.91 -0.30
C ASN B 38 36.30 7.18 0.96
N VAL B 39 35.83 7.63 2.11
CA VAL B 39 36.21 7.03 3.38
C VAL B 39 35.34 5.80 3.73
N LEU B 40 34.13 5.73 3.19
CA LEU B 40 33.21 4.65 3.53
C LEU B 40 33.64 3.33 2.97
N LYS B 41 33.36 2.27 3.72
CA LYS B 41 33.71 0.92 3.35
C LYS B 41 32.48 0.08 3.59
N THR B 42 32.31 -0.97 2.80
CA THR B 42 31.21 -1.91 3.00
C THR B 42 31.28 -2.49 4.40
N GLY B 43 30.17 -2.52 5.11
CA GLY B 43 30.15 -3.02 6.50
C GLY B 43 30.13 -1.88 7.54
N ASP B 44 30.37 -0.66 7.08
CA ASP B 44 30.22 0.49 7.92
C ASP B 44 28.79 0.58 8.36
N ILE B 45 28.59 1.13 9.55
CA ILE B 45 27.31 1.14 10.19
C ILE B 45 26.74 2.54 10.13
N PHE B 46 25.57 2.65 9.53
CA PHE B 46 24.86 3.90 9.39
C PHE B 46 24.00 4.07 10.63
N LEU B 47 23.88 5.31 11.09
CA LEU B 47 23.14 5.63 12.30
C LEU B 47 22.45 6.97 12.09
N CYS B 48 21.19 7.08 12.49
CA CYS B 48 20.47 8.33 12.31
C CYS B 48 19.70 8.63 13.55
N SER B 49 19.43 9.90 13.75
CA SER B 49 18.65 10.41 14.85
C SER B 49 17.50 11.18 14.23
N GLY B 50 16.41 10.49 13.93
CA GLY B 50 15.30 11.09 13.18
C GLY B 50 14.23 11.76 14.01
N ASN B 51 13.48 12.66 13.38
CA ASN B 51 12.35 13.37 14.00
C ASN B 51 10.96 12.86 13.59
N TYR B 52 10.91 11.69 12.96
CA TYR B 52 9.63 11.09 12.57
C TYR B 52 8.98 10.45 13.78
N LEU B 53 7.67 10.29 13.76
CA LEU B 53 6.98 9.74 14.91
C LEU B 53 7.58 8.40 15.26
N VAL B 54 7.68 7.49 14.28
CA VAL B 54 8.32 6.19 14.55
C VAL B 54 9.75 6.37 15.10
N SER B 55 10.45 7.42 14.66
CA SER B 55 11.82 7.66 15.14
C SER B 55 11.80 8.02 16.62
N LYS B 56 10.86 8.87 17.00
CA LYS B 56 10.72 9.28 18.39
C LYS B 56 10.33 8.10 19.26
N LEU B 57 9.40 7.25 18.82
CA LEU B 57 9.00 6.08 19.62
C LEU B 57 10.22 5.25 19.95
N ILE B 58 11.05 5.01 18.92
CA ILE B 58 12.33 4.30 19.13
C ILE B 58 13.25 5.02 20.15
N LYS B 59 13.33 6.34 20.06
CA LYS B 59 14.17 7.11 20.96
C LYS B 59 13.65 7.07 22.41
N LYS B 60 12.34 7.14 22.55
CA LYS B 60 11.75 7.08 23.88
C LYS B 60 11.98 5.72 24.52
N VAL B 61 11.51 4.65 23.90
CA VAL B 61 11.59 3.31 24.49
C VAL B 61 13.03 2.88 24.76
N SER B 62 13.97 3.37 23.98
CA SER B 62 15.38 2.96 24.14
C SER B 62 16.23 4.00 24.84
N GLU B 63 15.64 5.15 25.19
CA GLU B 63 16.37 6.24 25.88
C GLU B 63 17.67 6.64 25.21
N SER B 64 17.56 7.08 23.96
CA SER B 64 18.69 7.25 23.05
C SER B 64 18.38 8.32 22.05
N MSE B 65 19.41 8.92 21.49
CA MSE B 65 19.24 9.85 20.38
C MSE B 65 19.14 9.08 19.03
O MSE B 65 18.79 9.68 18.00
CB MSE B 65 20.40 10.84 20.35
CG MSE B 65 21.79 10.23 20.07
SE MSE B 65 23.18 11.59 19.82
CE MSE B 65 22.58 12.25 18.05
N PHE B 66 19.43 7.78 19.04
CA PHE B 66 19.45 7.02 17.79
C PHE B 66 18.16 6.30 17.49
N SER B 67 17.59 6.59 16.32
CA SER B 67 16.34 5.99 15.87
C SER B 67 16.50 4.98 14.74
N HIS B 68 17.66 4.95 14.11
CA HIS B 68 17.86 4.09 12.98
C HIS B 68 19.30 3.60 12.84
N THR B 69 19.44 2.45 12.19
CA THR B 69 20.73 1.92 11.83
C THR B 69 20.63 1.06 10.56
N GLY B 70 21.76 0.90 9.90
CA GLY B 70 21.83 0.16 8.65
C GLY B 70 23.27 -0.09 8.25
N ILE B 71 23.47 -0.91 7.22
CA ILE B 71 24.80 -1.31 6.82
C ILE B 71 25.13 -0.75 5.45
N ILE B 72 26.29 -0.10 5.34
CA ILE B 72 26.71 0.48 4.09
C ILE B 72 27.24 -0.62 3.15
N VAL B 73 26.89 -0.51 1.87
CA VAL B 73 27.42 -1.41 0.87
C VAL B 73 27.93 -0.57 -0.30
N LYS B 74 29.20 -0.75 -0.65
CA LYS B 74 29.80 -0.05 -1.79
C LYS B 74 29.73 -0.90 -3.04
N TRP B 75 29.02 -0.47 -4.09
CA TRP B 75 29.09 -1.12 -5.41
C TRP B 75 29.98 -0.22 -6.25
N GLY B 76 31.25 -0.62 -6.37
CA GLY B 76 32.27 0.19 -7.03
C GLY B 76 32.46 1.48 -6.27
N GLU B 77 32.27 2.60 -6.95
CA GLU B 77 32.37 3.92 -6.34
C GLU B 77 31.06 4.36 -5.68
N HIS B 78 29.95 3.66 -5.97
CA HIS B 78 28.62 4.05 -5.49
C HIS B 78 28.27 3.49 -4.12
N THR B 79 27.55 4.30 -3.34
CA THR B 79 27.33 3.97 -1.95
C THR B 79 25.86 3.68 -1.68
N LEU B 80 25.60 2.44 -1.28
CA LEU B 80 24.26 1.99 -0.93
C LEU B 80 24.14 1.74 0.58
N ILE B 81 22.90 1.75 1.05
CA ILE B 81 22.57 1.48 2.43
C ILE B 81 21.55 0.35 2.41
N MSE B 82 21.88 -0.71 3.14
CA MSE B 82 21.05 -1.90 3.29
C MSE B 82 20.41 -1.85 4.71
O MSE B 82 21.10 -1.71 5.71
CB MSE B 82 21.96 -3.11 3.13
CG MSE B 82 21.28 -4.42 2.99
SE MSE B 82 22.60 -5.81 2.54
CE MSE B 82 23.79 -5.70 4.06
N GLU B 83 19.09 -1.95 4.78
CA GLU B 83 18.37 -1.63 5.99
C GLU B 83 16.94 -2.13 6.03
N SER B 84 16.41 -2.30 7.25
CA SER B 84 15.00 -2.46 7.50
C SER B 84 14.46 -1.13 7.93
N VAL B 85 13.52 -0.60 7.17
CA VAL B 85 12.86 0.66 7.52
C VAL B 85 11.44 0.26 7.91
N GLU B 86 11.07 0.59 9.13
CA GLU B 86 9.91 -0.03 9.75
C GLU B 86 8.57 0.30 9.14
N ASP B 87 8.47 1.44 8.45
CA ASP B 87 7.25 1.78 7.70
C ASP B 87 7.35 1.48 6.21
N ASP B 88 8.24 0.58 5.80
CA ASP B 88 8.56 0.39 4.38
C ASP B 88 8.91 -1.08 4.09
N GLY B 89 10.12 -1.52 4.45
CA GLY B 89 10.55 -2.87 4.13
C GLY B 89 12.03 -3.08 4.37
N VAL B 90 12.52 -4.29 4.11
CA VAL B 90 13.94 -4.59 4.11
C VAL B 90 14.46 -4.31 2.68
N ARG B 91 15.20 -3.22 2.53
CA ARG B 91 15.59 -2.72 1.22
C ARG B 91 17.08 -2.41 1.15
N ILE B 92 17.55 -2.19 -0.07
CA ILE B 92 18.88 -1.66 -0.32
C ILE B 92 18.68 -0.50 -1.27
N VAL B 93 19.16 0.69 -0.90
CA VAL B 93 18.99 1.91 -1.72
C VAL B 93 20.21 2.82 -1.63
N PRO B 94 20.32 3.79 -2.54
CA PRO B 94 21.48 4.66 -2.47
C PRO B 94 21.45 5.54 -1.23
N LEU B 95 22.61 5.67 -0.59
CA LEU B 95 22.77 6.59 0.53
C LEU B 95 22.39 8.01 0.15
N GLU B 96 22.62 8.36 -1.12
CA GLU B 96 22.23 9.64 -1.69
C GLU B 96 20.77 9.99 -1.29
N HIS B 97 19.89 9.00 -1.20
CA HIS B 97 18.49 9.26 -0.85
C HIS B 97 18.34 10.01 0.47
N TYR B 98 19.08 9.57 1.49
CA TYR B 98 19.03 10.19 2.80
C TYR B 98 19.49 11.66 2.75
N ILE B 99 20.36 11.99 1.80
CA ILE B 99 20.81 13.38 1.64
C ILE B 99 19.85 14.28 0.85
N LYS B 100 19.27 13.74 -0.23
CA LYS B 100 18.55 14.56 -1.23
C LYS B 100 17.07 14.22 -1.45
N ASN B 101 16.68 12.96 -1.19
CA ASN B 101 15.33 12.49 -1.52
C ASN B 101 14.93 11.29 -0.67
N TYR B 102 14.70 11.57 0.61
CA TYR B 102 14.27 10.55 1.56
C TYR B 102 12.81 10.19 1.31
N GLU B 103 12.61 8.90 1.06
CA GLU B 103 11.32 8.27 0.83
C GLU B 103 10.31 9.03 -0.07
N ASN B 104 10.80 9.36 -1.26
CA ASN B 104 10.04 10.09 -2.27
C ASN B 104 9.59 11.50 -1.83
N SER B 105 10.22 12.08 -0.82
CA SER B 105 9.91 13.46 -0.39
C SER B 105 10.69 14.55 -1.14
N ASN B 106 11.67 14.16 -1.94
CA ASN B 106 12.59 15.12 -2.60
C ASN B 106 13.36 16.05 -1.66
N ASN B 107 13.46 15.66 -0.40
CA ASN B 107 14.17 16.43 0.62
C ASN B 107 15.01 15.54 1.51
N ARG B 108 15.95 16.16 2.20
CA ARG B 108 16.89 15.44 3.06
C ARG B 108 16.14 14.77 4.19
N TYR B 109 16.65 13.62 4.65
CA TYR B 109 16.12 12.95 5.85
C TYR B 109 15.99 13.97 6.98
N ASN B 110 14.84 13.94 7.66
CA ASN B 110 14.59 14.85 8.75
C ASN B 110 15.22 14.32 10.02
N GLY B 111 16.49 14.63 10.17
CA GLY B 111 17.27 14.15 11.30
C GLY B 111 18.74 14.27 10.98
N SER B 112 19.59 13.85 11.89
CA SER B 112 21.01 13.88 11.68
C SER B 112 21.54 12.47 11.36
N LEU B 113 22.69 12.41 10.69
CA LEU B 113 23.21 11.19 10.11
C LEU B 113 24.64 10.95 10.58
N PHE B 114 25.01 9.69 10.84
CA PHE B 114 26.34 9.34 11.35
C PHE B 114 26.87 8.08 10.69
N ILE B 115 28.19 7.96 10.66
CA ILE B 115 28.80 6.74 10.20
C ILE B 115 29.73 6.21 11.27
N ALA B 116 29.72 4.90 11.44
CA ALA B 116 30.64 4.22 12.34
C ALA B 116 31.21 2.99 11.66
N ARG B 117 32.26 2.45 12.26
CA ARG B 117 32.91 1.25 11.74
C ARG B 117 33.14 0.27 12.85
N HIS B 118 32.88 -1.01 12.59
CA HIS B 118 33.16 -2.01 13.60
C HIS B 118 34.65 -2.27 13.62
N GLU B 119 35.21 -2.48 14.80
CA GLU B 119 36.64 -2.67 14.98
C GLU B 119 37.14 -3.85 14.17
N LEU B 120 36.40 -4.96 14.19
CA LEU B 120 36.81 -6.17 13.49
C LEU B 120 36.94 -6.05 11.96
N LEU B 121 36.13 -5.21 11.35
CA LEU B 121 36.17 -5.01 9.91
C LEU B 121 37.07 -3.84 9.47
N GLN B 122 37.81 -3.21 10.38
CA GLN B 122 38.60 -2.06 9.94
C GLN B 122 39.79 -2.45 9.07
N ASN B 123 40.34 -3.64 9.30
CA ASN B 123 41.49 -4.14 8.54
C ASN B 123 41.13 -5.27 7.57
N VAL B 124 39.97 -5.13 6.94
CA VAL B 124 39.40 -6.16 6.08
C VAL B 124 38.95 -5.51 4.77
N ASN B 125 39.51 -5.95 3.66
CA ASN B 125 39.22 -5.34 2.36
C ASN B 125 37.84 -5.69 1.83
N ASP B 126 37.32 -4.83 0.96
CA ASP B 126 35.91 -4.92 0.52
C ASP B 126 35.50 -6.19 -0.23
N ASP B 127 36.43 -7.04 -0.65
CA ASP B 127 36.05 -8.34 -1.20
C ASP B 127 36.59 -9.49 -0.35
N SER B 128 36.76 -9.23 0.93
CA SER B 128 37.08 -10.27 1.91
C SER B 128 35.96 -11.30 1.90
N GLU B 129 36.21 -12.47 2.47
CA GLU B 129 35.16 -13.48 2.57
C GLU B 129 34.14 -13.12 3.65
N MSE B 130 34.57 -12.36 4.67
CA MSE B 130 33.65 -11.88 5.70
C MSE B 130 32.62 -10.91 5.15
O MSE B 130 31.43 -11.08 5.38
CB MSE B 130 34.41 -11.11 6.76
CG MSE B 130 35.37 -11.90 7.55
SE MSE B 130 35.16 -11.12 9.24
CE MSE B 130 33.61 -12.20 9.84
N ILE B 131 33.11 -9.87 4.48
CA ILE B 131 32.25 -8.88 3.86
C ILE B 131 31.31 -9.55 2.85
N ARG B 132 31.80 -10.56 2.14
CA ARG B 132 30.95 -11.34 1.20
C ARG B 132 29.78 -12.06 1.91
N ASN B 133 30.03 -12.56 3.13
CA ASN B 133 29.00 -13.28 3.88
C ASN B 133 28.01 -12.34 4.52
N LEU B 134 28.52 -11.22 5.03
CA LEU B 134 27.69 -10.16 5.61
C LEU B 134 26.65 -9.70 4.56
N ILE B 135 27.13 -9.41 3.37
CA ILE B 135 26.31 -8.99 2.24
C ILE B 135 25.35 -10.09 1.80
N LYS B 136 25.81 -11.33 1.76
CA LYS B 136 24.95 -12.48 1.44
C LYS B 136 23.71 -12.57 2.36
N VAL B 137 23.89 -12.40 3.67
CA VAL B 137 22.78 -12.54 4.60
C VAL B 137 21.80 -11.38 4.37
N GLY B 138 22.33 -10.17 4.29
CA GLY B 138 21.50 -9.02 4.07
C GLY B 138 20.68 -9.21 2.83
N PHE B 139 21.35 -9.61 1.75
CA PHE B 139 20.66 -9.88 0.50
C PHE B 139 19.58 -10.90 0.67
N SER B 140 19.85 -11.97 1.40
CA SER B 140 18.86 -13.00 1.68
C SER B 140 17.64 -12.53 2.46
N LEU B 141 17.70 -11.38 3.13
CA LEU B 141 16.55 -10.85 3.88
C LEU B 141 15.85 -9.70 3.19
N LEU B 142 16.40 -9.18 2.11
CA LEU B 142 15.67 -8.13 1.38
C LEU B 142 14.29 -8.70 1.00
N ASN B 143 13.24 -7.88 1.12
CA ASN B 143 11.88 -8.31 0.76
C ASN B 143 11.30 -7.28 -0.17
N SER B 144 10.04 -7.40 -0.50
CA SER B 144 9.42 -6.48 -1.46
C SER B 144 8.49 -5.54 -0.74
N GLY B 145 8.89 -5.12 0.45
CA GLY B 145 8.07 -4.24 1.30
C GLY B 145 7.33 -5.06 2.35
N TYR B 146 7.04 -4.40 3.47
CA TYR B 146 6.24 -4.99 4.54
C TYR B 146 4.77 -4.66 4.24
N ASP B 147 3.87 -5.58 4.52
CA ASP B 147 2.45 -5.29 4.31
C ASP B 147 1.92 -4.45 5.49
N LYS B 148 0.74 -3.88 5.35
CA LYS B 148 0.14 -2.98 6.34
C LYS B 148 0.10 -3.62 7.75
N ASN B 149 -0.32 -4.88 7.80
CA ASN B 149 -0.35 -5.67 9.03
C ASN B 149 1.02 -5.73 9.73
N GLU B 150 2.06 -6.01 8.94
CA GLU B 150 3.41 -6.13 9.45
C GLU B 150 3.97 -4.81 9.96
N ILE B 151 3.68 -3.72 9.29
CA ILE B 151 4.17 -2.42 9.74
C ILE B 151 3.58 -2.09 11.11
N ALA B 152 2.27 -2.30 11.25
CA ALA B 152 1.60 -2.13 12.51
C ALA B 152 2.22 -2.99 13.60
N GLN B 153 2.44 -4.28 13.31
CA GLN B 153 3.06 -5.21 14.25
C GLN B 153 4.48 -4.77 14.64
N ILE B 154 5.28 -4.32 13.67
CA ILE B 154 6.65 -3.92 14.00
C ILE B 154 6.60 -2.74 14.98
N VAL B 155 5.89 -1.67 14.60
CA VAL B 155 5.83 -0.44 15.40
C VAL B 155 5.21 -0.68 16.76
N ALA B 156 4.27 -1.60 16.83
CA ALA B 156 3.71 -2.02 18.12
C ALA B 156 4.77 -2.68 19.00
N ARG B 157 5.57 -3.61 18.44
CA ARG B 157 6.64 -4.30 19.21
C ARG B 157 7.59 -3.28 19.79
N ILE B 158 7.97 -2.27 19.02
CA ILE B 158 8.83 -1.18 19.48
C ILE B 158 8.21 -0.59 20.75
N GLY B 159 6.95 -0.18 20.66
CA GLY B 159 6.25 0.41 21.81
C GLY B 159 6.10 -0.53 22.99
N LEU B 160 5.90 -1.83 22.73
CA LEU B 160 5.82 -2.84 23.79
C LEU B 160 7.20 -3.38 24.29
N GLY B 161 8.30 -3.01 23.62
CA GLY B 161 9.63 -3.58 23.89
C GLY B 161 9.71 -5.12 23.77
N ILE B 162 8.89 -5.73 22.92
CA ILE B 162 8.94 -7.18 22.68
C ILE B 162 9.81 -7.49 21.46
N GLY B 163 10.71 -8.47 21.56
CA GLY B 163 11.54 -8.92 20.43
C GLY B 163 10.73 -9.78 19.47
N ARG B 164 11.33 -10.24 18.38
CA ARG B 164 10.54 -11.03 17.40
C ARG B 164 10.43 -12.51 17.82
N HIS B 165 9.23 -12.84 18.33
CA HIS B 165 8.97 -14.03 19.19
C HIS B 165 8.56 -15.33 18.49
N GLU B 166 8.11 -15.26 17.24
CA GLU B 166 7.96 -16.43 16.36
C GLU B 166 9.15 -16.39 15.38
N ASP B 167 9.28 -17.39 14.50
CA ASP B 167 10.42 -17.46 13.55
C ASP B 167 10.27 -16.51 12.33
N ASN B 168 9.66 -15.33 12.55
CA ASN B 168 9.20 -14.42 11.48
C ASN B 168 10.25 -13.46 10.97
N ASN B 169 9.92 -12.86 9.83
CA ASN B 169 10.83 -12.02 9.10
C ASN B 169 10.46 -10.54 9.12
N GLU B 170 10.04 -10.06 10.29
CA GLU B 170 9.73 -8.64 10.49
C GLU B 170 10.78 -8.04 11.42
N TYR B 171 11.54 -7.06 10.92
CA TYR B 171 12.73 -6.57 11.60
C TYR B 171 12.67 -5.10 11.93
N ILE B 172 12.96 -4.77 13.19
CA ILE B 172 13.31 -3.41 13.58
C ILE B 172 14.69 -3.14 12.98
N CYS B 173 14.96 -1.89 12.62
CA CYS B 173 16.19 -1.58 11.91
C CYS B 173 17.40 -2.29 12.56
N SER B 174 17.54 -2.14 13.87
CA SER B 174 18.69 -2.74 14.60
C SER B 174 18.69 -4.25 14.60
N GLU B 175 17.51 -4.86 14.60
CA GLU B 175 17.40 -6.33 14.50
C GLU B 175 18.01 -6.84 13.20
N PHE B 176 17.77 -6.11 12.12
CA PHE B 176 18.29 -6.51 10.83
C PHE B 176 19.82 -6.40 10.85
N VAL B 177 20.33 -5.22 11.21
CA VAL B 177 21.78 -5.05 11.30
C VAL B 177 22.38 -6.14 12.15
N ASN B 178 21.71 -6.48 13.26
CA ASN B 178 22.19 -7.56 14.14
C ASN B 178 22.23 -8.96 13.47
N GLU B 179 21.16 -9.33 12.75
CA GLU B 179 21.19 -10.61 12.02
C GLU B 179 22.35 -10.70 11.06
N CYS B 180 22.62 -9.61 10.35
CA CYS B 180 23.75 -9.66 9.41
C CYS B 180 25.07 -9.93 10.10
N PHE B 181 25.34 -9.16 11.14
CA PHE B 181 26.58 -9.34 11.92
C PHE B 181 26.63 -10.65 12.69
N LYS B 182 25.49 -11.06 13.26
CA LYS B 182 25.37 -12.35 13.97
C LYS B 182 25.86 -13.47 13.04
N LYS B 183 25.39 -13.49 11.81
CA LYS B 183 25.77 -14.56 10.87
C LYS B 183 27.21 -14.40 10.28
N ILE B 184 28.03 -13.52 10.83
CA ILE B 184 29.47 -13.61 10.59
C ILE B 184 30.27 -13.60 11.90
N GLY B 185 29.59 -13.95 13.01
CA GLY B 185 30.25 -14.10 14.29
C GLY B 185 30.35 -12.88 15.21
N VAL B 186 30.00 -11.69 14.71
CA VAL B 186 29.97 -10.49 15.56
C VAL B 186 28.62 -10.29 16.29
N GLU B 187 28.60 -10.51 17.60
CA GLU B 187 27.38 -10.34 18.41
C GLU B 187 27.37 -8.94 19.02
N PHE B 188 26.18 -8.37 19.25
CA PHE B 188 26.03 -7.05 19.87
C PHE B 188 25.37 -7.21 21.22
N LEU B 189 25.85 -6.51 22.25
CA LEU B 189 25.26 -6.59 23.59
C LEU B 189 23.78 -6.23 23.55
N THR B 190 22.97 -7.21 23.12
CA THR B 190 21.54 -7.10 22.95
C THR B 190 20.83 -7.55 24.23
N ASP B 191 21.00 -6.75 25.30
CA ASP B 191 20.39 -7.00 26.61
C ASP B 191 18.86 -6.76 26.65
N SER B 192 18.41 -5.59 26.18
CA SER B 192 16.98 -5.17 26.29
C SER B 192 16.01 -6.21 25.76
N PHE B 195 16.03 -8.36 23.01
CA PHE B 195 15.77 -7.20 22.15
C PHE B 195 17.05 -6.40 21.80
N ILE B 196 17.03 -5.64 20.71
CA ILE B 196 18.15 -4.77 20.38
C ILE B 196 17.73 -3.51 19.61
N PHE B 197 18.10 -2.35 20.14
CA PHE B 197 17.82 -1.08 19.52
C PHE B 197 19.10 -0.46 18.98
N PRO B 198 18.99 0.61 18.18
CA PRO B 198 20.17 1.27 17.68
C PRO B 198 21.19 1.68 18.75
N GLU B 199 20.71 2.13 19.88
CA GLU B 199 21.56 2.50 21.00
C GLU B 199 22.59 1.42 21.31
N HIS B 200 22.18 0.15 21.32
CA HIS B 200 23.13 -0.90 21.67
C HIS B 200 24.17 -1.04 20.59
N ILE B 201 23.85 -0.71 19.35
CA ILE B 201 24.86 -0.74 18.31
C ILE B 201 25.80 0.46 18.50
N ALA B 202 25.22 1.66 18.65
CA ALA B 202 26.04 2.83 18.89
C ALA B 202 26.96 2.66 20.10
N ALA B 203 26.43 2.14 21.19
CA ALA B 203 27.15 2.08 22.47
C ALA B 203 28.22 0.99 22.55
N ASP B 204 28.21 0.08 21.59
CA ASP B 204 29.07 -1.08 21.64
C ASP B 204 30.52 -0.65 21.55
N HIS B 205 31.34 -1.20 22.44
CA HIS B 205 32.75 -0.84 22.48
C HIS B 205 33.53 -1.08 21.23
N HIS B 206 33.07 -2.01 20.40
CA HIS B 206 33.74 -2.27 19.16
C HIS B 206 33.28 -1.38 18.01
N VAL B 207 32.30 -0.51 18.25
CA VAL B 207 31.81 0.37 17.19
C VAL B 207 32.45 1.74 17.36
N LEU B 208 33.24 2.14 16.38
CA LEU B 208 33.99 3.38 16.44
C LEU B 208 33.34 4.43 15.56
N PRO B 209 33.17 5.64 16.06
CA PRO B 209 32.59 6.69 15.22
C PRO B 209 33.53 7.17 14.15
N ILE B 210 33.02 7.46 12.97
CA ILE B 210 33.81 8.02 11.88
C ILE B 210 33.46 9.48 11.65
N ALA B 211 32.17 9.76 11.44
CA ALA B 211 31.74 11.14 11.15
C ALA B 211 30.25 11.34 11.30
N GLN B 212 29.87 12.59 11.54
CA GLN B 212 28.53 13.06 11.26
C GLN B 212 28.52 13.64 9.82
N ILE B 213 27.44 13.43 9.08
CA ILE B 213 27.34 13.96 7.72
C ILE B 213 26.78 15.38 7.80
N GLU B 214 27.47 16.35 7.18
CA GLU B 214 27.09 17.77 7.36
C GLU B 214 25.67 18.06 6.89
N LEU C 15 -16.59 9.46 -32.79
CA LEU C 15 -18.05 9.21 -32.67
C LEU C 15 -18.50 7.88 -33.32
N TYR C 16 -17.80 7.44 -34.39
CA TYR C 16 -18.04 6.09 -35.01
C TYR C 16 -17.27 4.98 -34.30
N PHE C 17 -16.22 5.34 -33.55
CA PHE C 17 -15.52 4.37 -32.71
C PHE C 17 -16.33 3.97 -31.45
N GLN C 18 -17.64 4.30 -31.38
CA GLN C 18 -18.49 4.14 -30.16
C GLN C 18 -19.97 3.70 -30.28
N GLY C 19 -20.46 3.09 -29.18
CA GLY C 19 -21.77 2.38 -29.13
C GLY C 19 -23.06 3.06 -28.64
N MSE C 20 -24.19 2.34 -28.79
CA MSE C 20 -25.58 2.72 -28.39
C MSE C 20 -25.72 3.44 -27.03
O MSE C 20 -26.57 4.32 -26.87
CB MSE C 20 -26.51 1.47 -28.42
CG MSE C 20 -27.79 1.53 -27.47
SE MSE C 20 -29.19 0.06 -27.54
CE MSE C 20 -30.11 0.53 -29.24
N GLY C 21 -24.91 3.05 -26.06
CA GLY C 21 -24.87 3.72 -24.79
C GLY C 21 -24.63 5.21 -24.93
N THR C 22 -23.78 5.60 -25.88
CA THR C 22 -23.38 6.99 -26.07
C THR C 22 -24.54 7.92 -26.50
N ASP C 23 -25.23 7.58 -27.58
CA ASP C 23 -26.33 8.46 -28.05
C ASP C 23 -27.40 8.63 -26.98
N LYS C 24 -27.64 7.56 -26.23
CA LYS C 24 -28.65 7.57 -25.18
C LYS C 24 -28.40 8.72 -24.19
N PHE C 25 -27.13 9.12 -23.95
CA PHE C 25 -26.82 10.20 -23.00
C PHE C 25 -26.37 11.53 -23.61
N ASN C 26 -26.41 11.66 -24.94
CA ASN C 26 -25.85 12.86 -25.61
C ASN C 26 -26.60 14.18 -25.45
N ASN C 27 -27.92 14.15 -25.38
CA ASN C 27 -28.70 15.38 -25.21
C ASN C 27 -29.54 15.31 -23.97
N ILE C 28 -28.97 14.79 -22.90
CA ILE C 28 -29.69 14.67 -21.66
C ILE C 28 -29.61 16.01 -20.92
N LYS C 29 -30.63 16.34 -20.12
CA LYS C 29 -30.65 17.64 -19.44
C LYS C 29 -29.46 17.77 -18.48
N ILE C 30 -28.90 18.98 -18.42
CA ILE C 30 -27.78 19.29 -17.54
C ILE C 30 -28.28 19.91 -16.24
N ASP C 31 -28.18 19.22 -15.12
CA ASP C 31 -28.62 19.76 -13.82
C ASP C 31 -27.44 20.16 -12.94
N LYS C 32 -27.62 21.18 -12.12
CA LYS C 32 -26.62 21.56 -11.13
C LYS C 32 -26.69 20.52 -10.03
N TYR C 33 -25.54 20.22 -9.43
CA TYR C 33 -25.46 19.18 -8.41
C TYR C 33 -26.46 19.42 -7.28
N GLU C 34 -26.53 20.67 -6.80
CA GLU C 34 -27.42 21.05 -5.69
C GLU C 34 -28.88 20.66 -5.96
N ASN C 35 -29.31 20.85 -7.21
CA ASN C 35 -30.66 20.51 -7.60
C ASN C 35 -30.90 18.99 -7.71
N LEU C 36 -29.89 18.23 -8.15
CA LEU C 36 -30.02 16.78 -8.34
C LEU C 36 -30.13 15.97 -7.06
N ILE C 37 -29.52 16.45 -6.00
CA ILE C 37 -29.62 15.79 -4.68
C ILE C 37 -31.06 15.31 -4.37
N ASN C 38 -32.04 16.17 -4.60
CA ASN C 38 -33.45 15.86 -4.28
C ASN C 38 -34.09 14.85 -5.21
N VAL C 39 -33.55 14.71 -6.41
CA VAL C 39 -34.08 13.78 -7.40
C VAL C 39 -33.49 12.39 -7.25
N LEU C 40 -32.28 12.28 -6.70
CA LEU C 40 -31.58 10.98 -6.62
C LEU C 40 -32.23 10.03 -5.64
N LYS C 41 -32.21 8.76 -5.98
CA LYS C 41 -32.80 7.71 -5.14
C LYS C 41 -31.75 6.60 -5.02
N THR C 42 -31.75 5.93 -3.89
CA THR C 42 -30.85 4.82 -3.65
C THR C 42 -31.06 3.81 -4.78
N GLY C 43 -29.99 3.32 -5.36
CA GLY C 43 -30.12 2.37 -6.46
C GLY C 43 -29.82 3.00 -7.79
N ASP C 44 -29.90 4.32 -7.87
CA ASP C 44 -29.60 5.02 -9.10
C ASP C 44 -28.17 4.71 -9.48
N ILE C 45 -27.94 4.74 -10.79
CA ILE C 45 -26.68 4.32 -11.37
C ILE C 45 -25.90 5.57 -11.74
N PHE C 46 -24.66 5.62 -11.27
CA PHE C 46 -23.75 6.71 -11.52
C PHE C 46 -22.89 6.24 -12.68
N LEU C 47 -22.60 7.17 -13.57
CA LEU C 47 -21.81 6.86 -14.76
C LEU C 47 -20.85 8.02 -14.99
N CYS C 48 -19.62 7.73 -15.38
CA CYS C 48 -18.66 8.78 -15.64
C CYS C 48 -17.89 8.45 -16.86
N SER C 49 -17.45 9.52 -17.52
CA SER C 49 -16.56 9.46 -18.67
C SER C 49 -15.30 10.20 -18.25
N GLY C 50 -14.30 9.47 -17.78
CA GLY C 50 -13.09 10.10 -17.28
C GLY C 50 -11.98 10.24 -18.29
N ASN C 51 -11.04 11.14 -17.97
CA ASN C 51 -9.85 11.38 -18.78
C ASN C 51 -8.58 10.80 -18.17
N TYR C 52 -8.71 10.00 -17.13
CA TYR C 52 -7.56 9.34 -16.50
C TYR C 52 -7.07 8.23 -17.43
N LEU C 53 -5.82 7.83 -17.30
CA LEU C 53 -5.28 6.75 -18.14
C LEU C 53 -6.11 5.49 -18.03
N VAL C 54 -6.35 5.02 -16.79
CA VAL C 54 -7.23 3.85 -16.63
C VAL C 54 -8.61 4.07 -17.30
N SER C 55 -9.14 5.27 -17.21
CA SER C 55 -10.43 5.58 -17.84
C SER C 55 -10.34 5.38 -19.35
N LYS C 56 -9.27 5.88 -19.94
CA LYS C 56 -9.05 5.70 -21.37
C LYS C 56 -8.90 4.24 -21.76
N LEU C 57 -8.27 3.42 -20.93
CA LEU C 57 -8.11 1.99 -21.28
C LEU C 57 -9.49 1.36 -21.30
N ILE C 58 -10.30 1.68 -20.30
CA ILE C 58 -11.68 1.20 -20.26
C ILE C 58 -12.43 1.67 -21.54
N LYS C 59 -12.27 2.95 -21.89
CA LYS C 59 -13.00 3.48 -23.05
C LYS C 59 -12.60 2.79 -24.34
N LYS C 60 -11.32 2.49 -24.50
CA LYS C 60 -10.82 1.87 -25.73
C LYS C 60 -11.31 0.45 -25.82
N VAL C 61 -10.98 -0.37 -24.84
CA VAL C 61 -11.32 -1.76 -24.90
C VAL C 61 -12.82 -1.95 -25.04
N SER C 62 -13.64 -1.04 -24.51
CA SER C 62 -15.09 -1.25 -24.56
C SER C 62 -15.77 -0.40 -25.63
N GLU C 63 -14.99 0.40 -26.36
CA GLU C 63 -15.51 1.31 -27.41
C GLU C 63 -16.71 2.11 -26.94
N SER C 64 -16.49 2.89 -25.88
CA SER C 64 -17.53 3.61 -25.15
C SER C 64 -16.99 4.94 -24.65
N MSE C 65 -17.87 5.90 -24.39
CA MSE C 65 -17.46 7.11 -23.70
C MSE C 65 -17.47 6.89 -22.17
O MSE C 65 -16.99 7.74 -21.41
CB MSE C 65 -18.38 8.27 -24.04
CG MSE C 65 -19.81 8.08 -23.59
SE MSE C 65 -20.89 9.66 -23.79
CE MSE C 65 -19.99 10.84 -22.53
N PHE C 66 -18.01 5.76 -21.71
CA PHE C 66 -18.13 5.52 -20.30
C PHE C 66 -16.96 4.73 -19.73
N SER C 67 -16.30 5.30 -18.72
CA SER C 67 -15.20 4.65 -18.03
C SER C 67 -15.53 4.16 -16.64
N HIS C 68 -16.65 4.61 -16.08
CA HIS C 68 -16.93 4.27 -14.69
C HIS C 68 -18.42 4.13 -14.41
N THR C 69 -18.72 3.34 -13.39
CA THR C 69 -20.07 3.18 -12.92
C THR C 69 -20.04 2.85 -11.43
N GLY C 70 -21.13 3.19 -10.77
CA GLY C 70 -21.32 2.94 -9.33
C GLY C 70 -22.79 3.06 -8.96
N ILE C 71 -23.11 2.76 -7.69
CA ILE C 71 -24.51 2.79 -7.24
C ILE C 71 -24.69 3.86 -6.20
N ILE C 72 -25.74 4.67 -6.34
CA ILE C 72 -26.02 5.75 -5.42
C ILE C 72 -26.76 5.20 -4.22
N VAL C 73 -26.36 5.66 -3.04
CA VAL C 73 -26.98 5.24 -1.76
C VAL C 73 -27.25 6.48 -0.94
N LYS C 74 -28.51 6.70 -0.56
CA LYS C 74 -28.93 7.89 0.21
C LYS C 74 -28.95 7.55 1.70
N TRP C 75 -28.16 8.26 2.52
CA TRP C 75 -28.30 8.17 4.01
C TRP C 75 -29.00 9.45 4.46
N GLY C 76 -30.30 9.34 4.71
CA GLY C 76 -31.18 10.48 4.92
C GLY C 76 -31.18 11.41 3.71
N GLU C 77 -30.77 12.65 3.92
CA GLU C 77 -30.60 13.62 2.84
C GLU C 77 -29.19 13.56 2.22
N HIS C 78 -28.23 12.86 2.85
CA HIS C 78 -26.84 12.78 2.36
CA HIS C 78 -26.85 12.83 2.32
C HIS C 78 -26.67 11.74 1.26
N THR C 79 -25.93 12.07 0.22
CA THR C 79 -25.80 11.23 -0.94
C THR C 79 -24.42 10.61 -1.03
N LEU C 80 -24.38 9.28 -1.00
CA LEU C 80 -23.15 8.52 -1.12
C LEU C 80 -23.10 7.73 -2.42
N ILE C 81 -21.89 7.34 -2.81
CA ILE C 81 -21.67 6.52 -3.99
C ILE C 81 -20.89 5.25 -3.56
N MSE C 82 -21.42 4.10 -3.96
CA MSE C 82 -20.86 2.80 -3.60
C MSE C 82 -20.26 2.22 -4.90
O MSE C 82 -20.94 2.11 -5.91
CB MSE C 82 -21.98 1.96 -3.03
CG MSE C 82 -21.58 0.66 -2.37
SE MSE C 82 -23.13 -0.26 -1.52
CE MSE C 82 -24.22 -0.52 -3.10
N GLU C 83 -18.99 1.85 -4.89
CA GLU C 83 -18.30 1.58 -6.13
C GLU C 83 -17.01 0.82 -5.90
N SER C 84 -16.54 0.17 -6.97
CA SER C 84 -15.18 -0.36 -7.06
C SER C 84 -14.40 0.55 -7.95
N VAL C 85 -13.44 1.29 -7.39
CA VAL C 85 -12.55 2.15 -8.20
C VAL C 85 -11.23 1.42 -8.34
N GLU C 86 -10.83 1.19 -9.58
CA GLU C 86 -9.80 0.18 -9.88
C GLU C 86 -8.37 0.48 -9.37
N ASP C 87 -8.06 1.74 -9.14
CA ASP C 87 -6.78 2.13 -8.54
C ASP C 87 -6.90 2.43 -7.05
N ASP C 88 -7.93 1.89 -6.40
CA ASP C 88 -8.26 2.28 -5.03
C ASP C 88 -8.90 1.14 -4.24
N GLY C 89 -10.18 0.85 -4.45
CA GLY C 89 -10.84 -0.21 -3.69
C GLY C 89 -12.33 -0.28 -3.89
N VAL C 90 -12.98 -1.24 -3.23
CA VAL C 90 -14.43 -1.26 -3.16
C VAL C 90 -14.81 -0.40 -1.95
N ARG C 91 -15.33 0.79 -2.24
CA ARG C 91 -15.57 1.80 -1.22
C ARG C 91 -16.98 2.39 -1.34
N ILE C 92 -17.35 3.17 -0.34
CA ILE C 92 -18.55 3.96 -0.31
C ILE C 92 -18.10 5.31 0.19
N VAL C 93 -18.36 6.35 -0.58
CA VAL C 93 -17.96 7.71 -0.21
C VAL C 93 -18.98 8.75 -0.67
N PRO C 94 -18.91 9.95 -0.11
CA PRO C 94 -19.86 10.96 -0.55
C PRO C 94 -19.73 11.32 -2.03
N LEU C 95 -20.86 11.43 -2.71
CA LEU C 95 -20.87 11.90 -4.10
C LEU C 95 -20.17 13.27 -4.23
N GLU C 96 -20.33 14.09 -3.20
CA GLU C 96 -19.67 15.39 -3.15
C GLU C 96 -18.17 15.32 -3.55
N HIS C 97 -17.47 14.22 -3.23
CA HIS C 97 -16.06 14.06 -3.63
C HIS C 97 -15.82 14.16 -5.18
N TYR C 98 -16.71 13.57 -5.96
CA TYR C 98 -16.62 13.66 -7.41
C TYR C 98 -16.76 15.13 -7.86
N ILE C 99 -17.57 15.92 -7.15
CA ILE C 99 -17.77 17.31 -7.51
C ILE C 99 -16.67 18.27 -7.03
N LYS C 100 -16.14 18.04 -5.82
CA LYS C 100 -15.22 19.01 -5.15
C LYS C 100 -13.81 18.48 -4.75
N ASN C 101 -13.65 17.17 -4.56
CA ASN C 101 -12.37 16.63 -4.09
C ASN C 101 -12.22 15.17 -4.48
N TYR C 102 -11.92 14.94 -5.75
CA TYR C 102 -11.80 13.57 -6.24
C TYR C 102 -10.45 13.01 -5.86
N GLU C 103 -10.51 11.92 -5.11
CA GLU C 103 -9.37 11.19 -4.62
C GLU C 103 -8.23 12.05 -4.06
N ASN C 104 -8.58 12.92 -3.10
CA ASN C 104 -7.65 13.82 -2.42
C ASN C 104 -6.94 14.88 -3.28
N SER C 105 -7.44 15.15 -4.47
CA SER C 105 -6.87 16.17 -5.35
C SER C 105 -7.40 17.55 -5.04
N ASN C 106 -8.42 17.64 -4.18
CA ASN C 106 -9.14 18.89 -3.88
C ASN C 106 -9.77 19.53 -5.12
N ASN C 107 -10.00 18.74 -6.16
CA ASN C 107 -10.62 19.24 -7.39
C ASN C 107 -11.65 18.27 -7.87
N ARG C 108 -12.49 18.74 -8.79
CA ARG C 108 -13.56 17.94 -9.37
C ARG C 108 -12.95 16.76 -10.12
N TYR C 109 -13.72 15.68 -10.23
CA TYR C 109 -13.37 14.57 -11.13
C TYR C 109 -13.10 15.08 -12.54
N ASN C 110 -11.97 14.67 -13.10
CA ASN C 110 -11.61 15.04 -14.48
C ASN C 110 -12.37 14.18 -15.47
N GLY C 111 -13.58 14.63 -15.81
CA GLY C 111 -14.44 13.93 -16.78
C GLY C 111 -15.85 14.43 -16.65
N SER C 112 -16.81 13.74 -17.23
CA SER C 112 -18.21 14.15 -17.09
C SER C 112 -18.97 13.12 -16.29
N LEU C 113 -20.07 13.54 -15.68
CA LEU C 113 -20.77 12.68 -14.73
C LEU C 113 -22.24 12.62 -15.09
N PHE C 114 -22.85 11.46 -14.89
CA PHE C 114 -24.23 11.24 -15.30
C PHE C 114 -24.94 10.42 -14.26
N ILE C 115 -26.26 10.54 -14.24
CA ILE C 115 -27.09 9.70 -13.41
C ILE C 115 -28.12 8.98 -14.27
N ALA C 116 -28.32 7.72 -13.98
CA ALA C 116 -29.40 6.95 -14.57
C ALA C 116 -30.16 6.19 -13.49
N ARG C 117 -31.27 5.59 -13.89
CA ARG C 117 -32.14 4.85 -13.00
C ARG C 117 -32.65 3.62 -13.70
N HIS C 118 -32.58 2.48 -13.04
CA HIS C 118 -33.12 1.26 -13.60
C HIS C 118 -34.65 1.33 -13.57
N GLU C 119 -35.28 0.77 -14.61
CA GLU C 119 -36.73 0.78 -14.78
C GLU C 119 -37.44 0.08 -13.60
N LEU C 120 -36.94 -1.07 -13.20
CA LEU C 120 -37.56 -1.86 -12.13
C LEU C 120 -37.60 -1.14 -10.78
N LEU C 121 -36.60 -0.32 -10.50
CA LEU C 121 -36.55 0.38 -9.22
C LEU C 121 -37.20 1.77 -9.26
N GLN C 122 -37.87 2.16 -10.33
CA GLN C 122 -38.41 3.53 -10.38
C GLN C 122 -39.63 3.70 -9.48
N ASN C 123 -40.40 2.63 -9.29
CA ASN C 123 -41.60 2.67 -8.43
C ASN C 123 -41.43 1.85 -7.17
N VAL C 124 -40.26 1.98 -6.56
CA VAL C 124 -39.87 1.26 -5.36
C VAL C 124 -39.25 2.29 -4.41
N ASN C 125 -39.78 2.35 -3.17
CA ASN C 125 -39.33 3.34 -2.17
C ASN C 125 -38.02 2.95 -1.50
N ASP C 126 -37.31 3.96 -1.02
CA ASP C 126 -35.94 3.81 -0.53
C ASP C 126 -35.73 2.82 0.62
N ASP C 127 -36.77 2.40 1.33
CA ASP C 127 -36.62 1.33 2.34
C ASP C 127 -37.38 0.07 1.96
N SER C 128 -37.59 -0.13 0.66
CA SER C 128 -38.12 -1.37 0.13
C SER C 128 -37.24 -2.53 0.57
N GLU C 129 -37.75 -3.75 0.42
CA GLU C 129 -36.91 -4.92 0.67
C GLU C 129 -35.83 -5.08 -0.41
N MSE C 130 -36.16 -4.75 -1.67
CA MSE C 130 -35.20 -4.82 -2.78
C MSE C 130 -33.98 -3.93 -2.60
O MSE C 130 -32.85 -4.38 -2.76
CB MSE C 130 -35.84 -4.40 -4.10
CG MSE C 130 -36.93 -5.29 -4.57
SE MSE C 130 -36.64 -5.55 -6.42
CE MSE C 130 -35.35 -7.02 -6.30
N ILE C 131 -34.23 -2.66 -2.35
CA ILE C 131 -33.19 -1.68 -2.10
C ILE C 131 -32.32 -2.16 -0.91
N ARG C 132 -32.95 -2.70 0.13
CA ARG C 132 -32.23 -3.25 1.29
C ARG C 132 -31.23 -4.34 0.86
N ASN C 133 -31.64 -5.26 -0.01
CA ASN C 133 -30.76 -6.35 -0.42
C ASN C 133 -29.68 -5.89 -1.37
N LEU C 134 -30.00 -4.93 -2.22
CA LEU C 134 -28.98 -4.35 -3.12
C LEU C 134 -27.82 -3.79 -2.29
N ILE C 135 -28.19 -2.99 -1.31
CA ILE C 135 -27.26 -2.36 -0.38
C ILE C 135 -26.50 -3.40 0.47
N LYS C 136 -27.22 -4.41 0.98
CA LYS C 136 -26.58 -5.50 1.72
C LYS C 136 -25.38 -6.09 0.92
N VAL C 137 -25.62 -6.44 -0.33
CA VAL C 137 -24.58 -7.06 -1.13
C VAL C 137 -23.39 -6.13 -1.32
N GLY C 138 -23.66 -4.86 -1.61
CA GLY C 138 -22.60 -3.88 -1.75
C GLY C 138 -21.75 -3.76 -0.49
N PHE C 139 -22.44 -3.68 0.64
CA PHE C 139 -21.76 -3.57 1.92
C PHE C 139 -20.90 -4.79 2.17
N SER C 140 -21.42 -5.97 1.82
CA SER C 140 -20.67 -7.22 2.04
C SER C 140 -19.39 -7.23 1.25
N LEU C 141 -19.33 -6.51 0.14
CA LEU C 141 -18.12 -6.47 -0.69
C LEU C 141 -17.16 -5.32 -0.39
N LEU C 142 -17.55 -4.37 0.44
CA LEU C 142 -16.63 -3.26 0.74
C LEU C 142 -15.33 -3.85 1.31
N ASN C 143 -14.18 -3.34 0.88
CA ASN C 143 -12.90 -3.85 1.34
C ASN C 143 -12.10 -2.67 1.84
N SER C 144 -10.88 -2.91 2.25
CA SER C 144 -10.13 -1.84 2.87
C SER C 144 -9.04 -1.31 1.92
N GLY C 145 -9.40 -1.21 0.63
CA GLY C 145 -8.49 -0.86 -0.44
C GLY C 145 -7.98 -2.12 -1.11
N TYR C 146 -7.62 -2.00 -2.38
CA TYR C 146 -6.99 -3.08 -3.11
C TYR C 146 -5.46 -2.98 -2.88
N ASP C 147 -4.79 -4.12 -2.78
CA ASP C 147 -3.33 -4.08 -2.70
C ASP C 147 -2.69 -3.76 -4.09
N LYS C 148 -1.40 -3.46 -4.10
CA LYS C 148 -0.70 -3.08 -5.32
C LYS C 148 -0.85 -4.18 -6.40
N ASN C 149 -0.71 -5.44 -6.00
CA ASN C 149 -0.84 -6.61 -6.84
C ASN C 149 -2.21 -6.65 -7.53
N GLU C 150 -3.26 -6.43 -6.76
CA GLU C 150 -4.62 -6.51 -7.24
C GLU C 150 -4.95 -5.41 -8.23
N ILE C 151 -4.44 -4.21 -7.97
CA ILE C 151 -4.67 -3.07 -8.85
C ILE C 151 -4.09 -3.39 -10.21
N ALA C 152 -2.84 -3.83 -10.20
CA ALA C 152 -2.16 -4.33 -11.40
C ALA C 152 -3.00 -5.41 -12.11
N GLN C 153 -3.46 -6.42 -11.37
CA GLN C 153 -4.28 -7.48 -11.92
C GLN C 153 -5.57 -6.96 -12.55
N ILE C 154 -6.26 -6.04 -11.87
CA ILE C 154 -7.52 -5.54 -12.38
C ILE C 154 -7.29 -4.78 -13.69
N VAL C 155 -6.37 -3.81 -13.69
CA VAL C 155 -6.08 -3.03 -14.88
C VAL C 155 -5.60 -3.95 -16.04
N ALA C 156 -4.83 -4.98 -15.71
CA ALA C 156 -4.44 -5.96 -16.70
C ALA C 156 -5.67 -6.63 -17.31
N ARG C 157 -6.59 -7.12 -16.47
CA ARG C 157 -7.80 -7.78 -16.99
C ARG C 157 -8.58 -6.87 -17.95
N ILE C 158 -8.70 -5.59 -17.64
CA ILE C 158 -9.36 -4.62 -18.50
C ILE C 158 -8.69 -4.62 -19.89
N GLY C 159 -7.39 -4.41 -19.92
CA GLY C 159 -6.65 -4.47 -21.16
C GLY C 159 -6.74 -5.80 -21.89
N LEU C 160 -6.78 -6.91 -21.15
CA LEU C 160 -6.91 -8.25 -21.78
C LEU C 160 -8.35 -8.66 -22.11
N GLY C 161 -9.35 -7.86 -21.69
CA GLY C 161 -10.76 -8.24 -21.88
C GLY C 161 -11.20 -9.55 -21.23
N ILE C 162 -10.44 -10.04 -20.24
CA ILE C 162 -10.75 -11.25 -19.45
C ILE C 162 -11.60 -10.92 -18.23
N GLY C 163 -12.65 -11.72 -17.99
CA GLY C 163 -13.51 -11.58 -16.79
C GLY C 163 -12.83 -12.23 -15.59
N ARG C 164 -13.46 -12.17 -14.42
CA ARG C 164 -12.84 -12.73 -13.19
C ARG C 164 -13.22 -14.23 -13.01
N HIS C 165 -12.21 -15.10 -13.19
CA HIS C 165 -12.39 -16.58 -13.28
C HIS C 165 -12.79 -17.30 -11.97
N GLU C 166 -11.96 -17.19 -10.92
CA GLU C 166 -12.32 -17.74 -9.60
C GLU C 166 -13.48 -16.93 -8.99
N ASP C 167 -13.98 -17.37 -7.83
CA ASP C 167 -14.92 -16.54 -7.07
C ASP C 167 -14.01 -15.50 -6.38
N ASN C 168 -13.47 -14.63 -7.23
CA ASN C 168 -12.37 -13.70 -6.95
C ASN C 168 -12.94 -12.34 -6.54
N ASN C 169 -12.36 -11.65 -5.55
CA ASN C 169 -12.96 -10.38 -5.09
C ASN C 169 -12.35 -9.09 -5.68
N GLU C 170 -11.81 -9.18 -6.88
CA GLU C 170 -11.25 -8.01 -7.56
C GLU C 170 -12.20 -7.65 -8.69
N TYR C 171 -12.78 -6.46 -8.62
CA TYR C 171 -13.87 -6.07 -9.49
C TYR C 171 -13.56 -4.84 -10.33
N ILE C 172 -13.82 -4.92 -11.62
CA ILE C 172 -13.86 -3.73 -12.46
C ILE C 172 -15.13 -3.02 -12.04
N CYS C 173 -15.19 -1.71 -12.22
CA CYS C 173 -16.32 -0.95 -11.67
C CYS C 173 -17.67 -1.57 -11.99
N SER C 174 -17.90 -1.84 -13.27
CA SER C 174 -19.16 -2.43 -13.76
C SER C 174 -19.41 -3.87 -13.25
N GLU C 175 -18.35 -4.64 -13.03
CA GLU C 175 -18.50 -5.96 -12.39
C GLU C 175 -19.11 -5.83 -10.97
N PHE C 176 -18.72 -4.77 -10.25
CA PHE C 176 -19.27 -4.56 -8.93
C PHE C 176 -20.75 -4.20 -9.05
N VAL C 177 -21.08 -3.18 -9.86
CA VAL C 177 -22.46 -2.79 -10.03
C VAL C 177 -23.29 -4.01 -10.46
N ASN C 178 -22.74 -4.81 -11.36
CA ASN C 178 -23.41 -6.03 -11.80
C ASN C 178 -23.65 -7.04 -10.67
N GLU C 179 -22.67 -7.30 -9.80
CA GLU C 179 -22.90 -8.25 -8.68
C GLU C 179 -24.04 -7.81 -7.76
N CYS C 180 -24.10 -6.53 -7.46
CA CYS C 180 -25.17 -6.02 -6.60
C CYS C 180 -26.55 -6.22 -7.20
N PHE C 181 -26.69 -5.94 -8.50
CA PHE C 181 -27.97 -6.13 -9.19
C PHE C 181 -28.29 -7.60 -9.45
N LYS C 182 -27.26 -8.37 -9.79
CA LYS C 182 -27.43 -9.81 -10.01
C LYS C 182 -28.10 -10.44 -8.80
N LYS C 183 -27.62 -10.11 -7.61
CA LYS C 183 -28.13 -10.72 -6.37
C LYS C 183 -29.51 -10.18 -5.93
N ILE C 184 -30.14 -9.29 -6.71
CA ILE C 184 -31.58 -9.00 -6.54
C ILE C 184 -32.36 -9.31 -7.82
N GLY C 185 -31.78 -10.11 -8.71
CA GLY C 185 -32.49 -10.62 -9.88
C GLY C 185 -32.35 -9.86 -11.19
N VAL C 186 -31.83 -8.62 -11.13
CA VAL C 186 -31.64 -7.82 -12.34
C VAL C 186 -30.33 -8.15 -13.04
N GLU C 187 -30.39 -8.85 -14.16
CA GLU C 187 -29.20 -9.19 -14.94
C GLU C 187 -28.92 -8.09 -16.02
N PHE C 188 -27.65 -7.88 -16.34
CA PHE C 188 -27.25 -6.95 -17.39
C PHE C 188 -26.63 -7.75 -18.52
N LEU C 189 -27.11 -7.54 -19.76
CA LEU C 189 -26.61 -8.27 -20.95
C LEU C 189 -25.09 -8.27 -20.94
N THR C 190 -24.53 -9.31 -20.29
CA THR C 190 -23.09 -9.51 -20.07
C THR C 190 -22.52 -10.58 -21.04
N ASP C 191 -22.93 -10.48 -22.32
CA ASP C 191 -22.47 -11.38 -23.41
C ASP C 191 -21.22 -10.83 -24.10
N PHE C 195 -17.93 -11.18 -19.36
CA PHE C 195 -17.38 -9.87 -18.99
C PHE C 195 -18.45 -8.75 -18.99
N ILE C 196 -18.21 -7.63 -18.32
CA ILE C 196 -19.12 -6.48 -18.39
C ILE C 196 -18.44 -5.10 -18.08
N PHE C 197 -18.55 -4.17 -19.01
CA PHE C 197 -18.02 -2.81 -18.88
C PHE C 197 -19.16 -1.83 -18.68
N PRO C 198 -18.84 -0.60 -18.27
CA PRO C 198 -19.87 0.38 -18.07
C PRO C 198 -20.82 0.53 -19.24
N GLU C 199 -20.29 0.47 -20.46
CA GLU C 199 -21.10 0.57 -21.67
C GLU C 199 -22.32 -0.33 -21.56
N HIS C 200 -22.14 -1.61 -21.22
CA HIS C 200 -23.31 -2.53 -21.18
C HIS C 200 -24.36 -2.06 -20.15
N ILE C 201 -23.95 -1.37 -19.10
CA ILE C 201 -24.93 -0.84 -18.16
C ILE C 201 -25.63 0.37 -18.80
N ALA C 202 -24.89 1.31 -19.37
CA ALA C 202 -25.49 2.49 -20.03
C ALA C 202 -26.44 2.12 -21.18
N ALA C 203 -26.07 1.09 -21.94
CA ALA C 203 -26.79 0.70 -23.14
C ALA C 203 -28.02 -0.15 -22.86
N ASP C 204 -28.11 -0.68 -21.65
CA ASP C 204 -29.19 -1.59 -21.28
C ASP C 204 -30.53 -0.91 -21.42
N HIS C 205 -31.46 -1.56 -22.11
CA HIS C 205 -32.79 -0.98 -22.32
C HIS C 205 -33.58 -0.61 -21.10
N HIS C 206 -33.27 -1.22 -19.95
CA HIS C 206 -33.94 -0.89 -18.69
C HIS C 206 -33.24 0.21 -17.88
N VAL C 207 -32.16 0.80 -18.42
CA VAL C 207 -31.45 1.86 -17.72
C VAL C 207 -31.81 3.18 -18.38
N LEU C 208 -32.48 4.07 -17.65
CA LEU C 208 -33.00 5.31 -18.18
C LEU C 208 -32.16 6.50 -17.72
N PRO C 209 -31.71 7.36 -18.64
CA PRO C 209 -30.93 8.50 -18.26
C PRO C 209 -31.73 9.51 -17.48
N ILE C 210 -31.14 10.09 -16.44
CA ILE C 210 -31.80 11.14 -15.68
C ILE C 210 -31.15 12.48 -16.00
N ALA C 211 -29.84 12.60 -15.77
CA ALA C 211 -29.17 13.86 -16.05
C ALA C 211 -27.66 13.73 -16.17
N GLN C 212 -27.07 14.71 -16.85
CA GLN C 212 -25.66 15.00 -16.70
C GLN C 212 -25.51 16.07 -15.58
N ILE C 213 -24.48 15.94 -14.75
CA ILE C 213 -24.20 16.90 -13.67
C ILE C 213 -23.38 18.04 -14.24
N GLU C 214 -23.86 19.27 -14.06
CA GLU C 214 -23.26 20.45 -14.71
C GLU C 214 -21.82 20.65 -14.33
N GLY D 19 -8.54 0.16 34.58
CA GLY D 19 -9.20 1.50 34.76
C GLY D 19 -10.69 1.40 35.06
N MSE D 20 -11.31 2.51 35.50
CA MSE D 20 -12.73 2.50 35.95
C MSE D 20 -13.80 2.16 34.86
O MSE D 20 -15.00 2.03 35.17
CB MSE D 20 -13.10 3.78 36.71
CG MSE D 20 -13.16 5.07 35.89
SE MSE D 20 -14.71 6.18 36.38
CE MSE D 20 -16.15 5.12 35.57
N GLY D 21 -13.38 2.05 33.61
CA GLY D 21 -14.21 1.48 32.59
C GLY D 21 -14.25 -0.04 32.74
N THR D 22 -13.20 -0.63 33.33
CA THR D 22 -13.12 -2.09 33.54
C THR D 22 -14.37 -2.50 34.27
N ASP D 23 -14.53 -2.01 35.50
CA ASP D 23 -15.62 -2.47 36.35
C ASP D 23 -16.97 -2.28 35.66
N LYS D 24 -17.17 -1.13 35.04
CA LYS D 24 -18.46 -0.81 34.43
C LYS D 24 -18.99 -1.90 33.48
N PHE D 25 -18.13 -2.70 32.89
CA PHE D 25 -18.55 -3.74 31.94
C PHE D 25 -18.34 -5.16 32.44
N ASN D 26 -17.88 -5.30 33.69
CA ASN D 26 -17.48 -6.62 34.17
C ASN D 26 -18.61 -7.63 34.37
N ASN D 27 -19.81 -7.17 34.70
CA ASN D 27 -20.91 -8.09 34.94
C ASN D 27 -22.10 -7.75 34.12
N ILE D 28 -21.84 -7.34 32.88
CA ILE D 28 -22.87 -6.95 31.96
C ILE D 28 -23.45 -8.22 31.34
N LYS D 29 -24.70 -8.16 30.92
CA LYS D 29 -25.35 -9.34 30.37
C LYS D 29 -24.69 -9.73 29.06
N ILE D 30 -24.58 -11.04 28.85
CA ILE D 30 -24.01 -11.62 27.65
C ILE D 30 -25.16 -11.98 26.70
N ASP D 31 -25.27 -11.30 25.55
CA ASP D 31 -26.30 -11.60 24.55
C ASP D 31 -25.72 -12.24 23.28
N LYS D 32 -26.48 -13.13 22.66
CA LYS D 32 -26.08 -13.72 21.39
C LYS D 32 -26.26 -12.66 20.31
N TYR D 33 -25.36 -12.67 19.33
CA TYR D 33 -25.35 -11.66 18.27
C TYR D 33 -26.70 -11.50 17.60
N GLU D 34 -27.34 -12.62 17.25
CA GLU D 34 -28.65 -12.61 16.59
C GLU D 34 -29.70 -11.84 17.38
N ASN D 35 -29.68 -11.99 18.70
CA ASN D 35 -30.63 -11.29 19.55
C ASN D 35 -30.36 -9.78 19.62
N LEU D 36 -29.09 -9.39 19.66
CA LEU D 36 -28.69 -7.98 19.83
C LEU D 36 -29.04 -7.07 18.67
N ILE D 37 -28.97 -7.62 17.45
CA ILE D 37 -29.34 -6.88 16.24
C ILE D 37 -30.56 -5.96 16.43
N ASN D 38 -31.61 -6.49 17.06
CA ASN D 38 -32.88 -5.74 17.27
C ASN D 38 -32.78 -4.63 18.29
N VAL D 39 -31.82 -4.73 19.20
CA VAL D 39 -31.62 -3.77 20.28
C VAL D 39 -30.69 -2.63 19.90
N LEU D 40 -29.81 -2.87 18.92
CA LEU D 40 -28.81 -1.84 18.55
C LEU D 40 -29.47 -0.70 17.82
N LYS D 41 -28.98 0.51 18.07
CA LYS D 41 -29.50 1.73 17.47
C LYS D 41 -28.29 2.47 16.88
N THR D 42 -28.50 3.19 15.78
CA THR D 42 -27.46 4.01 15.18
C THR D 42 -26.92 4.97 16.25
N GLY D 43 -25.62 5.09 16.36
CA GLY D 43 -25.02 5.95 17.36
C GLY D 43 -24.47 5.18 18.56
N ASP D 44 -24.92 3.94 18.74
CA ASP D 44 -24.38 3.10 19.80
C ASP D 44 -22.88 2.98 19.61
N ILE D 45 -22.17 2.74 20.72
CA ILE D 45 -20.73 2.73 20.72
C ILE D 45 -20.29 1.31 20.87
N PHE D 46 -19.45 0.87 19.94
CA PHE D 46 -18.89 -0.47 19.94
C PHE D 46 -17.58 -0.37 20.70
N LEU D 47 -17.29 -1.39 21.51
CA LEU D 47 -16.06 -1.45 22.28
C LEU D 47 -15.47 -2.85 22.19
N CYS D 48 -14.17 -2.95 22.09
CA CYS D 48 -13.51 -4.26 22.00
C CYS D 48 -12.28 -4.26 22.86
N SER D 49 -11.97 -5.46 23.29
CA SER D 49 -10.78 -5.77 24.02
C SER D 49 -10.06 -6.84 23.20
N GLY D 50 -9.15 -6.41 22.33
CA GLY D 50 -8.43 -7.33 21.45
C GLY D 50 -7.12 -7.86 22.00
N ASN D 51 -6.66 -8.95 21.39
CA ASN D 51 -5.39 -9.57 21.73
C ASN D 51 -4.30 -9.34 20.69
N TYR D 52 -4.57 -8.49 19.71
CA TYR D 52 -3.60 -8.18 18.65
C TYR D 52 -2.48 -7.33 19.25
N LEU D 53 -1.32 -7.32 18.61
CA LEU D 53 -0.18 -6.52 19.13
C LEU D 53 -0.53 -5.06 19.27
N VAL D 54 -1.12 -4.47 18.24
CA VAL D 54 -1.59 -3.09 18.35
C VAL D 54 -2.62 -2.90 19.48
N SER D 55 -3.50 -3.89 19.67
CA SER D 55 -4.50 -3.82 20.72
C SER D 55 -3.79 -3.73 22.06
N LYS D 56 -2.77 -4.56 22.21
CA LYS D 56 -2.01 -4.61 23.47
C LYS D 56 -1.29 -3.32 23.71
N LEU D 57 -0.79 -2.66 22.69
CA LEU D 57 -0.12 -1.37 22.90
C LEU D 57 -1.12 -0.35 23.43
N ILE D 58 -2.31 -0.33 22.82
CA ILE D 58 -3.37 0.56 23.31
C ILE D 58 -3.72 0.27 24.78
N LYS D 59 -3.81 -1.01 25.13
CA LYS D 59 -4.19 -1.40 26.48
C LYS D 59 -3.11 -1.01 27.52
N LYS D 60 -1.85 -1.19 27.16
CA LYS D 60 -0.76 -0.81 28.05
C LYS D 60 -0.65 0.71 28.25
N VAL D 61 -0.63 1.47 27.17
CA VAL D 61 -0.45 2.90 27.30
C VAL D 61 -1.63 3.55 27.99
N SER D 62 -2.82 2.96 27.84
CA SER D 62 -4.00 3.58 28.39
C SER D 62 -4.43 2.93 29.68
N GLU D 63 -3.75 1.84 30.07
CA GLU D 63 -4.08 1.10 31.27
C GLU D 63 -5.57 0.71 31.28
N SER D 64 -5.96 -0.08 30.30
CA SER D 64 -7.37 -0.42 30.09
C SER D 64 -7.52 -1.79 29.49
N MSE D 65 -8.70 -2.35 29.63
CA MSE D 65 -8.99 -3.59 28.94
C MSE D 65 -9.46 -3.27 27.51
O MSE D 65 -9.49 -4.18 26.70
CB MSE D 65 -10.04 -4.40 29.69
CG MSE D 65 -11.38 -3.72 29.79
SE MSE D 65 -12.79 -4.84 30.48
CE MSE D 65 -12.84 -6.19 29.01
N PHE D 66 -9.82 -2.01 27.23
CA PHE D 66 -10.35 -1.63 25.92
C PHE D 66 -9.32 -1.16 24.92
N SER D 67 -9.25 -1.87 23.79
CA SER D 67 -8.33 -1.55 22.66
C SER D 67 -9.03 -0.90 21.45
N HIS D 68 -10.37 -0.96 21.38
CA HIS D 68 -11.06 -0.47 20.19
C HIS D 68 -12.41 0.13 20.49
N THR D 69 -12.78 1.07 19.65
CA THR D 69 -14.09 1.65 19.69
C THR D 69 -14.51 2.02 18.27
N GLY D 70 -15.82 2.12 18.05
CA GLY D 70 -16.40 2.53 16.77
C GLY D 70 -17.85 2.88 17.00
N ILE D 71 -18.53 3.33 15.96
CA ILE D 71 -19.93 3.73 16.07
C ILE D 71 -20.84 2.83 15.21
N ILE D 72 -21.93 2.36 15.80
CA ILE D 72 -22.87 1.50 15.10
C ILE D 72 -23.76 2.36 14.17
N VAL D 73 -23.98 1.87 12.95
CA VAL D 73 -24.90 2.51 11.99
C VAL D 73 -25.84 1.43 11.40
N LYS D 74 -27.14 1.59 11.62
CA LYS D 74 -28.13 0.68 11.07
C LYS D 74 -28.55 1.15 9.67
N TRP D 75 -28.41 0.31 8.63
CA TRP D 75 -29.06 0.55 7.31
C TRP D 75 -30.24 -0.39 7.28
N GLY D 76 -31.44 0.14 7.55
CA GLY D 76 -32.63 -0.68 7.72
C GLY D 76 -32.42 -1.67 8.84
N GLU D 77 -32.55 -2.95 8.53
CA GLU D 77 -32.31 -4.02 9.50
C GLU D 77 -30.81 -4.41 9.56
N HIS D 78 -29.98 -3.84 8.67
CA HIS D 78 -28.56 -4.21 8.57
C HIS D 78 -27.69 -3.36 9.47
N THR D 79 -26.77 -4.03 10.15
CA THR D 79 -25.95 -3.44 11.18
C THR D 79 -24.53 -3.29 10.66
N LEU D 80 -24.06 -2.04 10.64
CA LEU D 80 -22.71 -1.70 10.22
C LEU D 80 -21.95 -1.00 11.34
N ILE D 81 -20.63 -1.08 11.26
CA ILE D 81 -19.74 -0.42 12.21
C ILE D 81 -18.87 0.55 11.44
N MSE D 82 -18.93 1.81 11.84
CA MSE D 82 -18.14 2.88 11.26
C MSE D 82 -16.97 3.13 12.24
O MSE D 82 -17.19 3.27 13.42
CB MSE D 82 -19.03 4.09 11.15
CG MSE D 82 -18.51 5.23 10.33
SE MSE D 82 -19.92 6.58 10.14
CE MSE D 82 -20.12 7.28 11.93
N GLU D 83 -15.74 3.15 11.74
CA GLU D 83 -14.58 3.10 12.61
C GLU D 83 -13.26 3.42 11.91
N SER D 84 -12.27 3.85 12.70
CA SER D 84 -10.89 3.90 12.24
C SER D 84 -10.18 2.69 12.81
N VAL D 85 -9.65 1.82 11.94
CA VAL D 85 -8.90 0.65 12.37
C VAL D 85 -7.48 0.94 11.96
N GLU D 86 -6.60 1.00 12.96
CA GLU D 86 -5.30 1.63 12.82
C GLU D 86 -4.34 0.97 11.84
N ASP D 87 -4.49 -0.33 11.59
CA ASP D 87 -3.68 -1.04 10.58
C ASP D 87 -4.47 -1.21 9.26
N ASP D 88 -5.45 -0.34 9.04
CA ASP D 88 -6.37 -0.53 7.92
C ASP D 88 -6.88 0.81 7.34
N GLY D 89 -7.86 1.45 7.96
CA GLY D 89 -8.36 2.74 7.47
C GLY D 89 -9.57 3.24 8.21
N VAL D 90 -10.09 4.39 7.79
CA VAL D 90 -11.40 4.87 8.25
C VAL D 90 -12.46 4.23 7.33
N ARG D 91 -13.17 3.24 7.87
CA ARG D 91 -14.06 2.42 7.08
C ARG D 91 -15.47 2.24 7.69
N ILE D 92 -16.37 1.73 6.87
CA ILE D 92 -17.67 1.31 7.33
C ILE D 92 -17.90 -0.08 6.82
N VAL D 93 -18.18 -1.02 7.72
CA VAL D 93 -18.34 -2.44 7.35
C VAL D 93 -19.34 -3.18 8.23
N PRO D 94 -19.82 -4.32 7.73
CA PRO D 94 -20.83 -5.03 8.53
C PRO D 94 -20.29 -5.53 9.87
N LEU D 95 -21.04 -5.29 10.93
CA LEU D 95 -20.67 -5.85 12.24
C LEU D 95 -20.46 -7.37 12.16
N GLU D 96 -21.20 -8.06 11.29
CA GLU D 96 -21.02 -9.49 11.09
C GLU D 96 -19.53 -9.86 10.92
N HIS D 97 -18.71 -8.97 10.36
CA HIS D 97 -17.27 -9.28 10.20
C HIS D 97 -16.56 -9.55 11.53
N TYR D 98 -16.88 -8.78 12.56
CA TYR D 98 -16.27 -9.00 13.86
C TYR D 98 -16.64 -10.38 14.41
N ILE D 99 -17.84 -10.85 14.06
CA ILE D 99 -18.30 -12.13 14.54
C ILE D 99 -17.77 -13.32 13.74
N LYS D 100 -17.72 -13.21 12.40
CA LYS D 100 -17.48 -14.36 11.50
C LYS D 100 -16.20 -14.29 10.62
N ASN D 101 -15.76 -13.08 10.29
CA ASN D 101 -14.64 -12.89 9.36
C ASN D 101 -13.95 -11.56 9.62
N TYR D 102 -13.11 -11.52 10.64
CA TYR D 102 -12.43 -10.27 10.95
C TYR D 102 -11.21 -10.13 10.06
N GLU D 103 -11.22 -9.03 9.31
CA GLU D 103 -10.15 -8.64 8.40
C GLU D 103 -9.61 -9.79 7.54
N ASN D 104 -10.51 -10.42 6.82
CA ASN D 104 -10.22 -11.51 5.88
C ASN D 104 -9.58 -12.77 6.45
N SER D 105 -9.70 -12.98 7.76
CA SER D 105 -9.21 -14.18 8.41
C SER D 105 -10.22 -15.33 8.38
N ASN D 106 -11.46 -15.04 8.00
CA ASN D 106 -12.58 -16.01 8.05
C ASN D 106 -12.84 -16.54 9.46
N ASN D 107 -12.43 -15.77 10.47
CA ASN D 107 -12.66 -16.10 11.88
C ASN D 107 -13.09 -14.91 12.69
N ARG D 108 -13.64 -15.19 13.87
CA ARG D 108 -14.12 -14.16 14.79
C ARG D 108 -12.98 -13.26 15.24
N TYR D 109 -13.27 -12.00 15.53
CA TYR D 109 -12.30 -11.09 16.11
C TYR D 109 -11.67 -11.76 17.33
N ASN D 110 -10.34 -11.70 17.42
CA ASN D 110 -9.64 -12.25 18.57
C ASN D 110 -9.67 -11.30 19.77
N GLY D 111 -10.73 -11.40 20.56
CA GLY D 111 -10.93 -10.54 21.69
C GLY D 111 -12.39 -10.56 22.06
N SER D 112 -12.80 -9.69 22.96
CA SER D 112 -14.19 -9.63 23.37
C SER D 112 -14.83 -8.33 22.90
N LEU D 113 -16.16 -8.34 22.82
CA LEU D 113 -16.90 -7.30 22.15
C LEU D 113 -18.04 -6.83 23.01
N PHE D 114 -18.27 -5.52 23.01
CA PHE D 114 -19.27 -4.92 23.87
C PHE D 114 -20.00 -3.83 23.15
N ILE D 115 -21.22 -3.56 23.60
CA ILE D 115 -21.98 -2.45 23.09
C ILE D 115 -22.34 -1.54 24.23
N ALA D 116 -22.28 -0.23 23.97
CA ALA D 116 -22.77 0.79 24.90
C ALA D 116 -23.61 1.81 24.13
N ARG D 117 -24.23 2.72 24.87
CA ARG D 117 -25.09 3.74 24.32
C ARG D 117 -24.89 5.04 25.10
N HIS D 118 -24.87 6.17 24.39
CA HIS D 118 -24.70 7.45 25.07
C HIS D 118 -26.03 7.94 25.58
N GLU D 119 -26.02 8.45 26.80
CA GLU D 119 -27.22 8.88 27.48
C GLU D 119 -28.05 9.88 26.64
N LEU D 120 -27.39 10.83 25.98
CA LEU D 120 -28.07 11.83 25.16
C LEU D 120 -28.83 11.24 23.95
N LEU D 121 -28.33 10.16 23.38
CA LEU D 121 -28.97 9.58 22.22
C LEU D 121 -29.97 8.49 22.56
N GLN D 122 -30.22 8.22 23.83
CA GLN D 122 -31.10 7.08 24.13
C GLN D 122 -32.57 7.36 23.73
N ASN D 123 -33.00 8.62 23.83
CA ASN D 123 -34.38 9.01 23.49
C ASN D 123 -34.45 9.78 22.20
N VAL D 124 -33.71 9.32 21.20
CA VAL D 124 -33.62 9.97 19.93
C VAL D 124 -33.72 8.90 18.85
N ASN D 125 -34.68 9.07 17.95
CA ASN D 125 -34.98 8.07 16.91
C ASN D 125 -33.94 8.06 15.80
N ASP D 126 -33.82 6.91 15.13
CA ASP D 126 -32.78 6.66 14.11
C ASP D 126 -32.66 7.68 12.97
N ASP D 127 -33.71 8.45 12.69
CA ASP D 127 -33.66 9.52 11.66
C ASP D 127 -33.83 10.92 12.27
N SER D 128 -33.43 11.07 13.52
CA SER D 128 -33.31 12.38 14.17
C SER D 128 -32.26 13.25 13.46
N GLU D 129 -32.29 14.54 13.74
CA GLU D 129 -31.30 15.47 13.19
C GLU D 129 -29.89 15.18 13.68
N MSE D 130 -29.78 14.85 14.97
CA MSE D 130 -28.50 14.55 15.61
C MSE D 130 -27.84 13.32 15.02
O MSE D 130 -26.68 13.36 14.62
CB MSE D 130 -28.71 14.29 17.10
CG MSE D 130 -29.24 15.47 17.87
SE MSE D 130 -28.37 15.68 19.59
CE MSE D 130 -26.68 16.31 18.93
N ILE D 131 -28.57 12.22 14.98
CA ILE D 131 -28.07 11.01 14.39
C ILE D 131 -27.62 11.30 12.94
N ARG D 132 -28.38 12.09 12.18
CA ARG D 132 -28.02 12.46 10.80
C ARG D 132 -26.65 13.14 10.78
N ASN D 133 -26.45 14.13 11.62
CA ASN D 133 -25.17 14.85 11.63
C ASN D 133 -23.98 14.02 12.13
N LEU D 134 -24.23 13.10 13.07
CA LEU D 134 -23.20 12.20 13.57
C LEU D 134 -22.65 11.30 12.44
N ILE D 135 -23.59 10.73 11.69
CA ILE D 135 -23.32 9.91 10.51
C ILE D 135 -22.65 10.72 9.39
N LYS D 136 -23.17 11.91 9.09
CA LYS D 136 -22.56 12.83 8.12
C LYS D 136 -21.04 12.98 8.38
N VAL D 137 -20.68 13.32 9.61
CA VAL D 137 -19.27 13.57 9.95
C VAL D 137 -18.42 12.31 9.73
N GLY D 138 -18.93 11.16 10.19
CA GLY D 138 -18.24 9.90 9.94
C GLY D 138 -18.05 9.61 8.45
N PHE D 139 -19.13 9.76 7.69
CA PHE D 139 -19.04 9.56 6.26
C PHE D 139 -18.00 10.48 5.67
N SER D 140 -17.95 11.73 6.11
CA SER D 140 -16.97 12.68 5.56
C SER D 140 -15.52 12.25 5.81
N LEU D 141 -15.26 11.44 6.82
CA LEU D 141 -13.90 11.00 7.12
C LEU D 141 -13.53 9.64 6.50
N LEU D 142 -14.48 8.92 5.92
CA LEU D 142 -14.17 7.63 5.28
C LEU D 142 -13.11 7.80 4.20
N ASN D 143 -12.06 7.00 4.26
CA ASN D 143 -10.94 7.13 3.35
C ASN D 143 -10.80 5.79 2.67
N SER D 144 -9.76 5.60 1.89
CA SER D 144 -9.66 4.39 1.12
C SER D 144 -8.54 3.50 1.64
N GLY D 145 -8.42 3.48 2.96
CA GLY D 145 -7.32 2.82 3.63
C GLY D 145 -6.27 3.84 3.97
N TYR D 146 -5.49 3.53 4.99
CA TYR D 146 -4.34 4.34 5.33
C TYR D 146 -3.18 3.78 4.51
N ASP D 147 -2.26 4.66 4.10
CA ASP D 147 -1.03 4.19 3.49
C ASP D 147 -0.07 3.63 4.59
N LYS D 148 1.02 3.02 4.14
CA LYS D 148 1.99 2.38 5.00
C LYS D 148 2.53 3.42 5.98
N ASN D 149 2.92 4.56 5.46
CA ASN D 149 3.45 5.64 6.28
C ASN D 149 2.52 6.01 7.45
N GLU D 150 1.24 6.14 7.17
CA GLU D 150 0.24 6.61 8.12
C GLU D 150 -0.07 5.61 9.23
N ILE D 151 -0.09 4.33 8.88
CA ILE D 151 -0.26 3.27 9.86
C ILE D 151 0.87 3.37 10.88
N ALA D 152 2.10 3.41 10.38
CA ALA D 152 3.29 3.61 11.19
C ALA D 152 3.15 4.84 12.10
N GLN D 153 2.70 5.95 11.54
CA GLN D 153 2.53 7.16 12.32
C GLN D 153 1.46 7.00 13.40
N ILE D 154 0.35 6.36 13.07
CA ILE D 154 -0.73 6.22 14.06
C ILE D 154 -0.29 5.32 15.20
N VAL D 155 0.30 4.16 14.88
CA VAL D 155 0.75 3.25 15.92
C VAL D 155 1.85 3.88 16.74
N ALA D 156 2.72 4.65 16.11
CA ALA D 156 3.76 5.36 16.86
C ALA D 156 3.13 6.38 17.83
N ARG D 157 2.12 7.15 17.40
CA ARG D 157 1.46 8.12 18.33
C ARG D 157 0.78 7.45 19.56
N ILE D 158 0.22 6.27 19.35
CA ILE D 158 -0.31 5.46 20.46
C ILE D 158 0.80 5.15 21.52
N GLY D 159 1.94 4.66 21.06
CA GLY D 159 3.04 4.35 21.95
C GLY D 159 3.69 5.58 22.55
N LEU D 160 3.64 6.71 21.85
CA LEU D 160 4.18 7.98 22.41
C LEU D 160 3.16 8.73 23.25
N GLY D 161 1.91 8.25 23.29
CA GLY D 161 0.82 9.03 23.89
C GLY D 161 0.56 10.43 23.31
N ILE D 162 1.04 10.76 22.11
CA ILE D 162 0.87 12.08 21.46
C ILE D 162 -0.46 12.10 20.72
N GLY D 163 -1.18 13.22 20.76
CA GLY D 163 -2.42 13.42 20.00
C GLY D 163 -2.10 13.99 18.63
N ARG D 164 -3.11 14.25 17.81
CA ARG D 164 -2.88 14.68 16.40
C ARG D 164 -3.06 16.17 16.08
N HIS D 165 -2.42 16.64 14.99
CA HIS D 165 -2.55 18.04 14.46
C HIS D 165 -4.01 18.49 14.20
N GLU D 166 -4.18 19.78 13.86
CA GLU D 166 -5.52 20.40 13.71
C GLU D 166 -6.44 19.60 12.75
N ASP D 167 -6.17 19.71 11.44
CA ASP D 167 -6.86 18.92 10.44
C ASP D 167 -5.84 18.01 9.74
N ASN D 168 -5.16 17.19 10.54
CA ASN D 168 -4.44 16.00 10.05
C ASN D 168 -5.51 14.89 10.05
N ASN D 169 -5.53 13.97 9.08
CA ASN D 169 -6.63 12.98 9.01
C ASN D 169 -6.30 11.53 9.38
N GLU D 170 -5.33 11.35 10.27
CA GLU D 170 -4.94 10.01 10.75
C GLU D 170 -5.45 9.86 12.19
N TYR D 171 -6.31 8.86 12.39
CA TYR D 171 -7.09 8.72 13.61
C TYR D 171 -6.88 7.41 14.35
N ILE D 172 -6.63 7.52 15.65
CA ILE D 172 -6.75 6.37 16.54
C ILE D 172 -8.23 6.12 16.65
N CYS D 173 -8.62 4.86 16.85
CA CYS D 173 -10.03 4.49 16.83
C CYS D 173 -10.91 5.47 17.61
N SER D 174 -10.49 5.74 18.84
CA SER D 174 -11.17 6.67 19.75
C SER D 174 -11.16 8.13 19.33
N GLU D 175 -10.07 8.58 18.69
CA GLU D 175 -10.06 9.95 18.11
C GLU D 175 -11.18 10.11 17.05
N PHE D 176 -11.46 9.05 16.30
CA PHE D 176 -12.51 9.08 15.25
C PHE D 176 -13.90 9.10 15.85
N VAL D 177 -14.13 8.24 16.85
CA VAL D 177 -15.40 8.25 17.54
C VAL D 177 -15.56 9.62 18.18
N ASN D 178 -14.47 10.17 18.71
CA ASN D 178 -14.52 11.47 19.32
C ASN D 178 -14.84 12.60 18.35
N GLU D 179 -14.26 12.60 17.15
CA GLU D 179 -14.58 13.66 16.16
C GLU D 179 -16.04 13.70 15.80
N CYS D 180 -16.62 12.52 15.60
CA CYS D 180 -18.01 12.43 15.22
C CYS D 180 -18.90 13.02 16.30
N PHE D 181 -18.72 12.60 17.55
CA PHE D 181 -19.52 13.13 18.67
C PHE D 181 -19.21 14.60 18.95
N LYS D 182 -17.96 15.00 18.77
CA LYS D 182 -17.57 16.38 18.98
C LYS D 182 -18.40 17.31 18.10
N LYS D 183 -18.54 16.94 16.83
CA LYS D 183 -19.26 17.76 15.87
C LYS D 183 -20.77 17.61 15.99
N ILE D 184 -21.28 16.98 17.05
CA ILE D 184 -22.71 17.15 17.40
C ILE D 184 -22.84 17.66 18.82
N GLY D 185 -21.73 18.18 19.36
CA GLY D 185 -21.72 18.77 20.69
C GLY D 185 -21.25 17.93 21.85
N VAL D 186 -21.34 16.61 21.74
CA VAL D 186 -20.94 15.71 22.84
C VAL D 186 -19.42 15.59 22.95
N GLU D 187 -18.84 16.15 24.01
CA GLU D 187 -17.40 16.07 24.24
C GLU D 187 -17.09 14.92 25.20
N PHE D 188 -15.96 14.25 25.04
CA PHE D 188 -15.55 13.19 25.96
C PHE D 188 -14.49 13.67 26.98
N PHE D 195 -5.20 14.01 24.06
CA PHE D 195 -5.36 12.65 23.53
C PHE D 195 -6.65 12.01 24.05
N ILE D 196 -7.02 10.86 23.50
CA ILE D 196 -8.18 10.14 23.98
C ILE D 196 -8.08 8.70 23.50
N PHE D 197 -8.11 7.77 24.45
CA PHE D 197 -8.14 6.35 24.16
C PHE D 197 -9.53 5.77 24.40
N PRO D 198 -9.78 4.54 23.95
CA PRO D 198 -11.06 3.92 24.20
C PRO D 198 -11.48 3.97 25.66
N GLU D 199 -10.53 3.82 26.59
CA GLU D 199 -10.84 3.89 28.02
C GLU D 199 -11.65 5.12 28.36
N HIS D 200 -11.24 6.30 27.86
CA HIS D 200 -11.93 7.54 28.18
CA HIS D 200 -11.93 7.55 28.19
C HIS D 200 -13.40 7.47 27.73
N ILE D 201 -13.67 6.79 26.61
CA ILE D 201 -15.05 6.64 26.14
C ILE D 201 -15.79 5.65 27.04
N ALA D 202 -15.20 4.50 27.31
CA ALA D 202 -15.82 3.50 28.19
C ALA D 202 -16.12 4.03 29.60
N ALA D 203 -15.21 4.83 30.13
CA ALA D 203 -15.30 5.29 31.50
C ALA D 203 -16.28 6.43 31.66
N ASP D 204 -16.69 7.05 30.55
CA ASP D 204 -17.46 8.27 30.59
C ASP D 204 -18.79 8.02 31.29
N HIS D 205 -19.11 8.89 32.27
CA HIS D 205 -20.34 8.78 33.06
C HIS D 205 -21.62 8.72 32.21
N HIS D 206 -21.61 9.27 30.98
CA HIS D 206 -22.80 9.26 30.08
C HIS D 206 -22.86 8.08 29.11
N VAL D 207 -21.90 7.15 29.20
CA VAL D 207 -21.86 6.00 28.31
C VAL D 207 -22.32 4.77 29.10
N LEU D 208 -23.43 4.19 28.69
CA LEU D 208 -24.11 3.16 29.44
C LEU D 208 -23.91 1.82 28.78
N PRO D 209 -23.43 0.83 29.52
CA PRO D 209 -23.27 -0.50 28.91
C PRO D 209 -24.61 -1.13 28.53
N ILE D 210 -24.63 -1.85 27.42
CA ILE D 210 -25.83 -2.56 26.97
C ILE D 210 -25.62 -4.07 27.02
N ALA D 211 -24.51 -4.54 26.43
CA ALA D 211 -24.22 -5.97 26.39
C ALA D 211 -22.80 -6.30 25.95
N GLN D 212 -22.31 -7.44 26.45
CA GLN D 212 -21.20 -8.14 25.84
C GLN D 212 -21.79 -9.13 24.82
N ILE D 213 -21.14 -9.25 23.66
CA ILE D 213 -21.57 -10.19 22.61
C ILE D 213 -20.98 -11.56 22.89
N GLU D 214 -21.86 -12.58 22.97
CA GLU D 214 -21.46 -13.93 23.36
C GLU D 214 -20.40 -14.51 22.45
N LYS E . 7.10 -7.36 -16.54
CA LYS E . 6.77 -8.17 -15.35
C LYS E . 7.00 -9.65 -15.62
O LYS E . 6.63 -10.17 -16.66
CB LYS E . 5.32 -7.93 -14.93
CG LYS E . 5.09 -8.02 -13.43
CD LYS E . 4.76 -9.42 -12.97
CE LYS E . 4.05 -9.44 -11.61
NZ LYS E . 4.93 -9.06 -10.48
OXT LYS E . 7.57 -10.38 -14.78
CL CL F . 11.23 -10.54 -5.81
CL CL G . -1.25 -12.37 -11.88
CL CL H . -4.22 9.19 -14.92
N LYS I . 14.06 3.51 12.17
CA LYS I . 13.60 4.56 11.23
C LYS I . 14.30 5.90 11.41
O LYS I . 14.44 6.39 12.56
CB LYS I . 12.09 4.80 11.36
CG LYS I . 11.44 5.29 10.05
CD LYS I . 11.03 6.73 10.10
CE LYS I . 10.59 7.26 8.72
NZ LYS I . 10.22 6.21 7.75
OXT LYS I . 14.72 6.51 10.39
CL CL J . 14.72 6.53 0.61
CL CL K . -1.06 -8.72 15.89
CL CL L . 6.35 11.00 10.95
N LYS M . -13.32 3.40 -13.50
CA LYS M . -12.53 4.57 -13.06
C LYS M . -13.08 5.88 -13.66
O LYS M . -13.26 5.94 -14.88
CB LYS M . -11.09 4.38 -13.51
CG LYS M . -10.04 4.91 -12.55
CD LYS M . -10.06 6.39 -12.31
CE LYS M . -8.74 6.85 -11.65
NZ LYS M . -8.88 7.69 -10.43
OXT LYS M . -13.34 6.88 -12.94
CL CL N . -12.82 10.37 -3.85
CL CL O . -26.02 -7.52 6.90
N LYS P . -7.83 -0.65 17.66
CA LYS P . -7.92 -2.02 17.03
C LYS P . -8.53 -3.10 17.92
O LYS P . -8.12 -3.24 19.08
CB LYS P . -6.55 -2.53 16.57
CG LYS P . -6.72 -3.54 15.43
CD LYS P . -5.65 -4.60 15.38
CE LYS P . -6.04 -5.71 14.38
NZ LYS P . -6.42 -5.17 13.05
OXT LYS P . -9.40 -3.86 17.46
CL CL Q . -13.14 -6.79 9.07
#